data_2KE8
#
_entry.id   2KE8
#
loop_
_entity.id
_entity.type
_entity.pdbx_description
1 polymer "DNA (5'-D(*TP*TP*AP*AP*TP*TP*TP*(D33)P*(D33)P*(D33)P*AP*AP*AP*TP*TP*AP*A)-3')"
2 non-polymer 'SILVER ION'
#
_entity_poly.entity_id   1
_entity_poly.type   'polydeoxyribonucleotide'
_entity_poly.pdbx_seq_one_letter_code
;(DT)(DT)(DA)(DA)(DT)(DT)(DT)(D33)(D33)(D33)(DA)(DA)(DA)(DT)(DT)(DA)(DA)
;
_entity_poly.pdbx_strand_id   A,B
#
loop_
_chem_comp.id
_chem_comp.type
_chem_comp.name
_chem_comp.formula
AG non-polymer 'SILVER ION' 'Ag 1'
D33 DNA linking 1-(2-deoxy-5-O-phosphono-beta-D-erythro-pentofuranosyl)-1H-imidazole 'C8 H13 N2 O6 P'
DA DNA linking 2'-DEOXYADENOSINE-5'-MONOPHOSPHATE 'C10 H14 N5 O6 P'
DT DNA linking THYMIDINE-5'-MONOPHOSPHATE 'C10 H15 N2 O8 P'
#
# COMPACT_ATOMS: atom_id res chain seq x y z
C4 D33 A 8 4.81 1.54 -1.89
C5 D33 A 8 5.18 1.52 -3.21
C2 D33 A 8 4.46 -0.47 -2.59
N1 D33 A 8 4.95 0.22 -3.65
P D33 A 8 8.05 3.76 -6.34
OP1 D33 A 8 8.37 3.82 -7.79
OP2 D33 A 8 7.26 4.84 -5.70
O5' D33 A 8 7.32 2.37 -6.04
C5' D33 A 8 7.92 1.15 -6.49
C4' D33 A 8 6.93 0.00 -6.53
O4' D33 A 8 6.62 -0.39 -5.19
C1' D33 A 8 5.20 -0.33 -4.99
N3 D33 A 8 4.36 0.28 -1.51
C2' D33 A 8 4.59 0.47 -6.13
C3' D33 A 8 5.61 0.32 -7.24
O3' D33 A 8 5.22 -0.78 -8.07
H15' D33 A 8 8.73 0.89 -5.80
H25' D33 A 8 8.34 1.31 -7.49
H4' D33 A 8 7.39 -0.84 -7.02
H1' D33 A 8 4.81 -1.35 -5.01
H55 D33 A 8 5.59 2.34 -3.80
H22 D33 A 8 4.19 -1.52 -2.66
H44 D33 A 8 4.83 2.38 -1.19
H22' D33 A 8 3.63 0.04 -6.43
H12' D33 A 8 4.47 1.52 -5.84
H3' D33 A 8 5.69 1.25 -7.81
C4 D33 A 9 0.77 0.19 -2.95
C5 D33 A 9 0.83 -0.43 -4.17
C2 D33 A 9 0.43 -1.88 -2.58
N1 D33 A 9 0.63 -1.76 -3.92
P D33 A 9 3.87 -0.72 -8.94
OP1 D33 A 9 4.06 -1.56 -10.15
OP2 D33 A 9 3.45 0.69 -9.07
O5' D33 A 9 2.81 -1.48 -7.98
C5' D33 A 9 2.99 -2.86 -7.64
C4' D33 A 9 1.84 -3.41 -6.77
O4' D33 A 9 1.94 -2.88 -5.46
C1' D33 A 9 0.63 -2.83 -4.91
N3 D33 A 9 0.53 -0.73 -1.98
C2' D33 A 9 -0.33 -2.59 -6.07
C3' D33 A 9 0.44 -3.09 -7.30
O3' D33 A 9 -0.19 -4.29 -7.75
H15' D33 A 9 3.92 -2.97 -7.11
H25' D33 A 9 3.03 -3.44 -8.56
H4' D33 A 9 1.96 -4.49 -6.71
H1' D33 A 9 0.39 -3.78 -4.42
H55 D33 A 9 0.96 0.04 -5.14
H22 D33 A 9 0.24 -2.85 -2.11
H44 D33 A 9 0.91 1.25 -2.72
H22' D33 A 9 -1.25 -3.17 -5.92
H12' D33 A 9 -0.56 -1.53 -6.16
H3' D33 A 9 0.47 -2.33 -8.07
C4 D33 A 10 -3.62 -0.28 -3.45
C5 D33 A 10 -3.77 -1.44 -4.20
C2 D33 A 10 -3.84 -1.89 -2.05
N1 D33 A 10 -3.92 -2.47 -3.29
P D33 A 10 -1.67 -4.23 -8.39
OP1 D33 A 10 -1.82 -5.38 -9.31
OP2 D33 A 10 -1.90 -2.86 -8.89
O5' D33 A 10 -2.62 -4.47 -7.12
C5' D33 A 10 -2.41 -5.57 -6.24
C4' D33 A 10 -3.34 -5.51 -5.03
O4' D33 A 10 -2.98 -4.39 -4.23
C1' D33 A 10 -4.14 -3.89 -3.58
N3 D33 A 10 -3.67 -0.58 -2.11
C2' D33 A 10 -5.31 -4.17 -4.53
C3' D33 A 10 -4.83 -5.36 -5.37
O3' D33 A 10 -5.53 -6.55 -4.98
H15' D33 A 10 -1.38 -5.54 -5.89
H25' D33 A 10 -2.57 -6.48 -6.78
H4' D33 A 10 -3.21 -6.41 -4.44
H1' D33 A 10 -4.29 -4.43 -2.65
H55 D33 A 10 -3.83 -1.50 -5.28
H22 D33 A 10 -3.91 -2.48 -1.14
H44 D33 A 10 -3.46 0.73 -3.81
H22' D33 A 10 -6.20 -4.43 -3.95
H12' D33 A 10 -5.50 -3.30 -5.16
H3' D33 A 10 -4.97 -5.15 -6.43
C4 D33 B 8 -3.96 3.50 1.16
C5 D33 B 8 -4.24 3.96 2.43
C2 D33 B 8 -4.25 1.77 2.40
N1 D33 B 8 -4.43 2.84 3.22
P D33 B 8 -6.05 7.79 4.68
OP1 D33 B 8 -6.26 8.34 6.04
OP2 D33 B 8 -4.97 8.33 3.82
O5' D33 B 8 -5.83 6.21 4.82
C5' D33 B 8 -6.77 5.43 5.56
C4' D33 B 8 -6.21 4.07 5.96
O4' D33 B 8 -6.12 3.26 4.78
C1' D33 B 8 -4.78 2.79 4.64
N3 D33 B 8 -3.96 2.12 1.16
C2' D33 B 8 -3.87 3.63 5.53
C3' D33 B 8 -4.83 4.12 6.60
O3' D33 B 8 -4.78 3.23 7.72
H15' D33 B 8 -7.66 5.28 4.95
H25' D33 B 8 -7.05 5.98 6.46
H4' D33 B 8 -6.91 3.59 6.65
H1' D33 B 8 -4.75 1.75 4.96
H55 D33 B 8 -4.31 5.01 2.74
H22 D33 B 8 -4.34 0.75 2.77
H44 D33 B 8 -3.74 4.07 0.27
H22' D33 B 8 -3.10 3.01 5.98
H12' D33 B 8 -3.44 4.47 4.98
H3' D33 B 8 -4.58 5.15 6.90
C4 D33 B 9 -0.51 1.24 2.71
C5 D33 B 9 -0.74 1.03 4.05
C2 D33 B 9 -0.91 -0.86 2.95
N1 D33 B 9 -1.00 -0.31 4.19
P D33 B 9 -3.44 3.07 8.59
OP1 D33 B 9 -3.85 2.71 9.97
OP2 D33 B 9 -2.58 4.24 8.36
O5' D33 B 9 -2.74 1.77 7.93
C5' D33 B 9 -3.39 0.49 7.97
C4' D33 B 9 -2.55 -0.61 7.33
O4' D33 B 9 -2.53 -0.45 5.92
C1' D33 B 9 -1.32 -0.99 5.44
N3 D33 B 9 -0.61 0.04 2.04
C2' D33 B 9 -0.27 -0.80 6.52
C3' D33 B 9 -1.09 -0.64 7.80
O3' D33 B 9 -0.88 -1.80 8.61
H15' D33 B 9 -4.34 0.57 7.43
H25' D33 B 9 -3.58 0.23 9.00
H4' D33 B 9 -3.01 -1.57 7.55
H1' D33 B 9 -1.44 -2.07 5.24
H55 D33 B 9 -0.67 1.76 4.85
H22 D33 B 9 -1.08 -1.91 2.77
H44 D33 B 9 -0.31 2.18 2.19
H22' D33 B 9 0.38 -1.67 6.59
H12' D33 B 9 0.30 0.11 6.33
H3' D33 B 9 -0.83 0.27 8.33
C4 D33 B 10 3.47 -0.50 3.57
C5 D33 B 10 3.27 -1.39 4.60
C2 D33 B 10 3.07 -2.42 2.66
N1 D33 B 10 3.01 -2.61 4.01
P D33 B 10 0.56 -2.06 9.30
OP1 D33 B 10 0.36 -2.88 10.50
OP2 D33 B 10 1.26 -0.75 9.40
O5' D33 B 10 1.33 -2.94 8.19
C5' D33 B 10 0.71 -4.10 7.63
C4' D33 B 10 1.56 -4.69 6.50
O4' D33 B 10 1.53 -3.79 5.41
C1' D33 B 10 2.76 -3.90 4.71
N3 D33 B 10 3.35 -1.16 2.36
C2' D33 B 10 3.82 -4.27 5.74
C3' D33 B 10 3.03 -4.95 6.85
O3' D33 B 10 3.27 -6.37 6.84
H15' D33 B 10 -0.27 -3.84 7.25
H25' D33 B 10 0.59 -4.84 8.41
H4' D33 B 10 1.10 -5.62 6.18
H1' D33 B 10 2.68 -4.70 3.96
H55 D33 B 10 3.35 -1.17 5.66
H22 D33 B 10 2.90 -3.22 1.95
H44 D33 B 10 3.66 0.56 3.63
H22' D33 B 10 4.55 -4.95 5.30
H12' D33 B 10 4.32 -3.37 6.11
H3' D33 B 10 3.28 -4.51 7.82
AG AG C . 3.86 -0.40 0.45
AG AG D . -0.04 -0.32 0.03
AG AG E . -3.81 0.80 -0.50
C4 D33 A 8 5.06 1.20 -2.24
C5 D33 A 8 5.39 1.10 -3.58
C2 D33 A 8 4.84 -0.86 -2.77
N1 D33 A 8 5.25 -0.23 -3.89
P D33 A 8 8.72 2.86 -7.35
OP1 D33 A 8 9.26 2.72 -8.73
OP2 D33 A 8 8.09 4.14 -6.94
O5' D33 A 8 7.66 1.68 -7.10
C5' D33 A 8 8.00 0.32 -7.40
C4' D33 A 8 6.90 -0.64 -6.98
O4' D33 A 8 6.82 -0.65 -5.57
C1' D33 A 8 5.47 -0.87 -5.20
N3 D33 A 8 4.71 -0.04 -1.76
C2' D33 A 8 4.58 -0.30 -6.29
C3' D33 A 8 5.51 -0.25 -7.51
O3' D33 A 8 5.06 -1.22 -8.47
H15' D33 A 8 8.91 0.06 -6.88
H25' D33 A 8 8.16 0.22 -8.48
H4' D33 A 8 7.14 -1.64 -7.33
H1' D33 A 8 5.29 -1.93 -5.09
H55 D33 A 8 5.70 1.91 -4.23
H22 D33 A 8 4.64 -1.93 -2.75
H44 D33 A 8 5.05 2.10 -1.61
H22' D33 A 8 3.74 -0.96 -6.48
H12' D33 A 8 4.24 0.70 -6.04
H3' D33 A 8 5.52 0.75 -7.94
C4 D33 A 9 0.67 0.20 -2.96
C5 D33 A 9 0.63 -0.35 -4.22
C2 D33 A 9 0.26 -1.88 -2.67
N1 D33 A 9 0.37 -1.69 -4.03
P D33 A 9 3.64 -1.01 -9.22
OP1 D33 A 9 3.65 -1.85 -10.44
OP2 D33 A 9 3.40 0.44 -9.35
O5' D33 A 9 2.54 -1.63 -8.20
C5' D33 A 9 2.50 -3.02 -7.91
C4' D33 A 9 1.31 -3.38 -7.01
O4' D33 A 9 1.51 -2.90 -5.68
C1' D33 A 9 0.23 -2.70 -5.09
N3 D33 A 9 0.44 -0.76 -2.00
C2' D33 A 9 -0.71 -2.27 -6.23
C3' D33 A 9 -0.01 -2.79 -7.50
O3' D33 A 9 -0.83 -3.81 -8.07
H15' D33 A 9 3.42 -3.30 -7.39
H25' D33 A 9 2.42 -3.58 -8.84
H4' D33 A 9 1.21 -4.46 -6.98
H1' D33 A 9 -0.14 -3.64 -4.67
H55 D33 A 9 0.75 0.16 -5.16
H22 D33 A 9 0.05 -2.86 -2.25
H44 D33 A 9 0.88 1.24 -2.68
H22' D33 A 9 -1.69 -2.74 -6.12
H12' D33 A 9 -0.79 -1.18 -6.26
H3' D33 A 9 0.16 -1.98 -8.21
C4 D33 A 10 -3.93 0.05 -3.29
C5 D33 A 10 -4.16 -0.98 -4.19
C2 D33 A 10 -4.46 -1.66 -2.11
N1 D33 A 10 -4.49 -2.08 -3.42
P D33 A 10 -2.26 -3.45 -8.72
OP1 D33 A 10 -2.56 -4.44 -9.77
OP2 D33 A 10 -2.26 -2.00 -9.06
O5' D33 A 10 -3.26 -3.68 -7.50
C5' D33 A 10 -3.19 -4.89 -6.75
C4' D33 A 10 -4.14 -4.88 -5.56
O4' D33 A 10 -3.69 -3.93 -4.61
C1' D33 A 10 -4.82 -3.43 -3.91
N3 D33 A 10 -4.13 -0.39 -2.01
C2' D33 A 10 -6.00 -3.49 -4.87
C3' D33 A 10 -5.58 -4.53 -5.92
O3' D33 A 10 -6.36 -5.74 -5.78
H15' D33 A 10 -2.17 -5.01 -6.39
H25' D33 A 10 -3.45 -5.72 -7.40
H4' D33 A 10 -4.11 -5.87 -5.09
H1' D33 A 10 -5.02 -4.08 -3.05
H55 D33 A 10 -4.14 -0.91 -5.27
H22 D33 A 10 -4.69 -2.34 -1.29
H44 D33 A 10 -3.60 1.07 -3.52
H22' D33 A 10 -6.90 -3.81 -4.35
H12' D33 A 10 -6.16 -2.52 -5.34
H3' D33 A 10 -5.65 -4.13 -6.93
C4 D33 B 8 -4.25 3.39 1.57
C5 D33 B 8 -4.54 3.78 2.87
C2 D33 B 8 -4.71 1.61 2.67
N1 D33 B 8 -4.84 2.62 3.55
P D33 B 8 -6.90 7.51 5.86
OP1 D33 B 8 -7.39 7.92 7.21
OP2 D33 B 8 -5.92 8.35 5.16
O5' D33 B 8 -6.31 6.02 5.99
C5' D33 B 8 -7.06 5.00 6.64
C4' D33 B 8 -6.35 3.65 6.56
O4' D33 B 8 -6.37 3.21 5.20
C1' D33 B 8 -5.18 2.48 4.96
N3 D33 B 8 -4.37 2.01 1.47
C2' D33 B 8 -4.11 2.99 5.91
C3' D33 B 8 -4.90 3.67 7.02
O3' D33 B 8 -4.76 2.91 8.24
H15' D33 B 8 -8.04 4.90 6.15
H25' D33 B 8 -7.21 5.26 7.68
H4' D33 B 8 -6.91 2.92 7.15
H1' D33 B 8 -5.37 1.42 5.17
H55 D33 B 8 -4.52 4.80 3.26
H22 D33 B 8 -4.90 0.57 2.96
H44 D33 B 8 -3.98 4.02 0.72
H22' D33 B 8 -3.52 2.16 6.30
H12' D33 B 8 -3.47 3.71 5.40
H3' D33 B 8 -4.56 4.70 7.16
C4 D33 B 9 -0.39 1.22 2.74
C5 D33 B 9 -0.52 1.06 4.09
C2 D33 B 9 -0.69 -0.88 3.07
N1 D33 B 9 -0.71 -0.28 4.31
P D33 B 9 -3.32 2.84 8.97
OP1 D33 B 9 -3.55 2.42 10.37
OP2 D33 B 9 -2.60 4.09 8.70
O5' D33 B 9 -2.54 1.64 8.21
C5' D33 B 9 -2.97 0.28 8.30
C4' D33 B 9 -2.01 -0.68 7.59
O4' D33 B 9 -2.11 -0.54 6.18
C1' D33 B 9 -0.87 -0.94 5.62
N3 D33 B 9 -0.50 0.01 2.10
C2' D33 B 9 0.21 -0.56 6.63
C3' D33 B 9 -0.55 -0.45 7.96
O3' D33 B 9 -0.09 -1.49 8.83
H15' D33 B 9 -3.96 0.19 7.84
H25' D33 B 9 -3.04 -0.01 9.35
H4' D33 B 9 -2.28 -1.70 7.86
H1' D33 B 9 -0.86 -2.03 5.48
H55 D33 B 9 -0.42 1.83 4.86
H22 D33 B 9 -0.83 -1.96 2.95
H44 D33 B 9 -0.28 2.15 2.18
H22' D33 B 9 0.97 -1.33 6.69
H12' D33 B 9 0.65 0.39 6.36
H3' D33 B 9 -0.40 0.54 8.41
C4 D33 B 10 3.87 -0.34 3.34
C5 D33 B 10 3.81 -1.10 4.49
C2 D33 B 10 3.74 -2.39 2.71
N1 D33 B 10 3.72 -2.41 4.08
P D33 B 10 1.40 -1.45 9.42
OP1 D33 B 10 1.40 -2.16 10.72
OP2 D33 B 10 1.90 -0.06 9.35
O5' D33 B 10 2.21 -2.33 8.36
C5' D33 B 10 1.71 -3.61 7.97
C4' D33 B 10 2.55 -4.23 6.87
O4' D33 B 10 2.40 -3.49 5.68
C1' D33 B 10 3.59 -3.61 4.92
N3 D33 B 10 3.84 -1.15 2.23
C2' D33 B 10 4.73 -3.80 5.92
C3' D33 B 10 4.04 -4.31 7.19
O3' D33 B 10 4.38 -5.69 7.42
H15' D33 B 10 0.69 -3.49 7.61
H25' D33 B 10 1.70 -4.26 8.83
H4' D33 B 10 2.18 -5.24 6.69
H1' D33 B 10 3.53 -4.50 4.29
H55 D33 B 10 3.87 -0.73 5.51
H22 D33 B 10 3.69 -3.30 2.10
H44 D33 B 10 3.92 0.74 3.25
H22' D33 B 10 5.45 -4.52 5.55
H12' D33 B 10 5.23 -2.84 6.11
H3' D33 B 10 4.29 -3.69 8.05
AG AG C . 4.27 -0.57 0.25
AG AG D . -0.04 -0.39 0.04
AG AG E . -4.24 0.83 -0.28
C4 D33 A 8 4.57 2.52 -2.31
C5 D33 A 8 4.82 2.60 -3.66
C2 D33 A 8 4.14 0.58 -3.13
N1 D33 A 8 4.56 1.36 -4.18
P D33 A 8 8.50 4.37 -7.58
OP1 D33 A 8 9.13 4.07 -8.90
OP2 D33 A 8 8.04 5.74 -7.28
O5' D33 A 8 7.28 3.36 -7.37
C5' D33 A 8 7.47 1.97 -7.66
C4' D33 A 8 6.26 1.14 -7.28
O4' D33 A 8 6.14 1.08 -5.88
C1' D33 A 8 4.76 0.90 -5.56
N3 D33 A 8 4.15 1.24 -1.99
C2' D33 A 8 3.97 1.66 -6.62
C3' D33 A 8 4.93 1.66 -7.83
O3' D33 A 8 4.45 0.74 -8.81
H15' D33 A 8 8.33 1.62 -7.08
H25' D33 A 8 7.66 1.85 -8.71
H4' D33 A 8 6.41 0.12 -7.64
H1' D33 A 8 4.52 -0.17 -5.61
H55 D33 A 8 5.15 3.49 -4.21
H22 D33 A 8 3.86 -0.45 -3.27
H44 D33 A 8 4.68 3.29 -1.55
H22' D33 A 8 3.05 1.13 -6.87
H12' D33 A 8 3.77 2.68 -6.29
H3' D33 A 8 5.04 2.66 -8.24
C4 D33 A 9 0.54 1.39 -3.13
C5 D33 A 9 0.52 0.87 -4.40
C2 D33 A 9 0.32 -0.74 -2.91
N1 D33 A 9 0.39 -0.49 -4.26
P D33 A 9 3.02 0.94 -9.51
OP1 D33 A 9 3.05 0.30 -10.85
OP2 D33 A 9 2.64 2.36 -9.39
O5' D33 A 9 2.04 0.07 -8.56
C5' D33 A 9 2.26 -1.34 -8.37
C4' D33 A 9 1.28 -1.94 -7.37
O4' D33 A 9 1.54 -1.44 -6.06
C1' D33 A 9 0.31 -1.48 -5.34
N3 D33 A 9 0.42 0.38 -2.21
C2' D33 A 9 -0.78 -1.20 -6.35
C3' D33 A 9 -0.18 -1.63 -7.69
O3' D33 A 9 -0.82 -2.82 -8.14
H15' D33 A 9 3.28 -1.50 -8.00
H25' D33 A 9 2.14 -1.85 -9.32
H4' D33 A 9 1.40 -3.02 -7.37
H1' D33 A 9 0.18 -2.48 -4.91
H55 D33 A 9 0.56 1.42 -5.33
H22 D33 A 9 0.23 -1.74 -2.52
H44 D33 A 9 0.66 2.43 -2.83
H22' D33 A 9 -1.67 -1.79 -6.12
H12' D33 A 9 -1.03 -0.13 -6.36
H3' D33 A 9 -0.25 -0.83 -8.43
C4 D33 A 10 -3.81 0.72 -3.23
C5 D33 A 10 -3.96 -0.42 -4.01
C2 D33 A 10 -3.80 -0.94 -1.87
N1 D33 A 10 -3.95 -1.47 -3.12
P D33 A 10 -2.38 -2.83 -8.55
OP1 D33 A 10 -2.60 -3.96 -9.48
OP2 D33 A 10 -2.77 -1.46 -8.96
O5' D33 A 10 -3.08 -3.19 -7.16
C5' D33 A 10 -2.60 -4.28 -6.38
C4' D33 A 10 -3.32 -4.37 -5.04
O4' D33 A 10 -2.96 -3.26 -4.24
C1' D33 A 10 -4.07 -2.90 -3.44
N3 D33 A 10 -3.72 0.37 -1.91
C2' D33 A 10 -5.33 -3.27 -4.23
C3' D33 A 10 -4.85 -4.38 -5.15
O3' D33 A 10 -5.37 -5.65 -4.70
H15' D33 A 10 -1.55 -4.15 -6.19
H25' D33 A 10 -2.76 -5.20 -6.92
H4' D33 A 10 -3.01 -5.28 -4.52
H1' D33 A 10 -4.05 -3.47 -2.52
H55 D33 A 10 -4.10 -0.45 -5.09
H22 D33 A 10 -3.76 -1.57 -0.98
H44 D33 A 10 -3.76 1.76 -3.56
H22' D33 A 10 -6.11 -3.60 -3.56
H12' D33 A 10 -5.67 -2.40 -4.81
H3' D33 A 10 -5.16 -4.19 -6.19
C4 D33 B 8 -3.36 4.40 1.32
C5 D33 B 8 -3.51 4.94 2.58
C2 D33 B 8 -3.53 2.74 2.66
N1 D33 B 8 -3.64 3.86 3.43
P D33 B 8 -6.20 8.83 5.69
OP1 D33 B 8 -6.83 9.11 7.01
OP2 D33 B 8 -5.34 9.84 5.06
O5' D33 B 8 -5.38 7.45 5.83
C5' D33 B 8 -6.01 6.34 6.46
C4' D33 B 8 -5.16 5.08 6.39
O4' D33 B 8 -5.14 4.61 5.05
C1' D33 B 8 -3.92 3.90 4.88
N3 D33 B 8 -3.37 3.03 1.38
C2' D33 B 8 -2.88 4.63 5.73
C3' D33 B 8 -3.72 5.26 6.84
O3' D33 B 8 -3.52 4.52 8.05
H15' D33 B 8 -6.96 6.14 5.98
H25' D33 B 8 -6.19 6.58 7.50
H4' D33 B 8 -5.62 4.33 7.01
H1' D33 B 8 -4.05 2.87 5.24
H55 D33 B 8 -3.53 6.00 2.85
H22 D33 B 8 -3.59 1.74 3.09
H44 D33 B 8 -3.25 4.94 0.38
H22' D33 B 8 -2.17 3.93 6.15
H12' D33 B 8 -2.38 5.39 5.14
H3' D33 B 8 -3.46 6.32 6.97
C4 D33 B 9 0.12 2.29 2.58
C5 D33 B 9 0.00 2.16 3.95
C2 D33 B 9 -0.39 0.23 2.96
N1 D33 B 9 -0.33 0.85 4.18
P D33 B 9 -2.08 4.45 8.74
OP1 D33 B 9 -2.27 4.26 10.20
OP2 D33 B 9 -1.25 5.56 8.24
O5' D33 B 9 -1.48 3.08 8.14
C5' D33 B 9 -2.17 1.83 8.30
C4' D33 B 9 -1.49 0.69 7.54
O4' D33 B 9 -1.63 0.88 6.14
C1' D33 B 9 -0.54 0.22 5.50
N3 D33 B 9 -0.12 1.07 1.97
C2' D33 B 9 0.65 0.37 6.45
C3' D33 B 9 0.00 0.57 7.83
O3' D33 B 9 0.23 -0.60 8.61
H15' D33 B 9 -3.19 1.93 7.93
H25' D33 B 9 -2.20 1.58 9.35
H4' D33 B 9 -1.98 -0.25 7.81
H1' D33 B 9 -0.79 -0.83 5.38
H55 D33 B 9 0.20 2.92 4.69
H22 D33 B 9 -0.65 -0.81 2.87
H44 D33 B 9 0.34 3.18 2.00
H22' D33 B 9 1.25 -0.54 6.44
H12' D33 B 9 1.24 1.24 6.18
H3' D33 B 9 0.38 1.47 8.32
C4 D33 B 10 3.98 0.27 3.11
C5 D33 B 10 3.78 -0.58 4.17
C2 D33 B 10 3.36 -1.60 2.25
N1 D33 B 10 3.37 -1.79 3.60
P D33 B 10 1.69 -1.02 9.10
OP1 D33 B 10 1.56 -1.84 10.32
OP2 D33 B 10 2.55 0.19 9.12
O5' D33 B 10 2.18 -1.96 7.90
C5' D33 B 10 1.33 -3.00 7.44
C4' D33 B 10 1.93 -3.69 6.21
O4' D33 B 10 1.91 -2.77 5.12
C1' D33 B 10 3.03 -3.04 4.30
N3 D33 B 10 3.72 -0.36 1.92
C2' D33 B 10 4.14 -3.57 5.21
C3' D33 B 10 3.37 -4.17 6.40
O3' D33 B 10 3.40 -5.60 6.34
H15' D33 B 10 0.37 -2.59 7.17
H25' D33 B 10 1.20 -3.73 8.22
H4' D33 B 10 1.30 -4.54 5.95
H1' D33 B 10 2.77 -3.80 3.57
H55 D33 B 10 3.95 -0.37 5.21
H22 D33 B 10 3.07 -2.38 1.56
H44 D33 B 10 4.29 1.32 3.14
H22' D33 B 10 4.72 -4.32 4.69
H12' D33 B 10 4.78 -2.76 5.55
H3' D33 B 10 3.77 -3.81 7.34
AG AG C . 3.92 0.44 -0.04
AG AG D . 0.14 0.67 -0.11
AG AG E . -3.54 1.70 -0.26
C4 D33 A 8 5.33 2.07 -2.13
C5 D33 A 8 5.71 2.01 -3.45
C2 D33 A 8 5.20 0.02 -2.69
N1 D33 A 8 5.62 0.67 -3.80
P D33 A 8 9.46 3.43 -7.32
OP1 D33 A 8 10.06 3.15 -8.65
OP2 D33 A 8 9.00 4.79 -6.99
O5' D33 A 8 8.25 2.41 -7.10
C5' D33 A 8 8.44 1.02 -7.37
C4' D33 A 8 7.26 0.17 -6.90
O4' D33 A 8 7.18 0.25 -5.48
C1' D33 A 8 5.84 0.07 -5.12
N3 D33 A 8 5.02 0.81 -1.67
C2' D33 A 8 4.99 0.69 -6.22
C3' D33 A 8 5.91 0.62 -7.45
O3' D33 A 8 5.41 -0.39 -8.35
H15' D33 A 8 9.35 0.68 -6.86
H25' D33 A 8 8.57 0.88 -8.44
H4' D33 A 8 7.44 -0.87 -7.18
H1' D33 A 8 5.63 -1.00 -5.05
H55 D33 A 8 6.02 2.83 -4.09
H22 D33 A 8 5.06 -1.07 -2.69
H44 D33 A 8 5.26 2.96 -1.49
H22' D33 A 8 4.08 0.10 -6.39
H12' D33 A 8 4.75 1.72 -5.99
H3' D33 A 8 5.98 1.58 -7.93
C4 D33 A 9 0.92 0.99 -3.04
C5 D33 A 9 0.95 0.42 -4.29
C2 D33 A 9 0.47 -1.08 -2.77
N1 D33 A 9 0.65 -0.91 -4.11
P D33 A 9 4.00 -0.17 -9.11
OP1 D33 A 9 4.03 -0.96 -10.36
OP2 D33 A 9 3.73 1.29 -9.19
O5' D33 A 9 2.91 -0.82 -8.12
C5' D33 A 9 2.93 -2.23 -7.86
C4' D33 A 9 1.74 -2.65 -7.01
O4' D33 A 9 1.87 -2.15 -5.68
C1' D33 A 9 0.56 -1.93 -5.16
N3 D33 A 9 0.63 0.03 -2.11
C2' D33 A 9 -0.31 -1.53 -6.34
C3' D33 A 9 0.41 -2.14 -7.55
O3' D33 A 9 -0.36 -3.23 -8.05
H15' D33 A 9 3.84 -2.47 -7.32
H25' D33 A 9 2.90 -2.77 -8.80
H4' D33 A 9 1.69 -3.74 -6.97
H1' D33 A 9 0.17 -2.86 -4.73
H55 D33 A 9 1.14 0.92 -5.25
H22 D33 A 9 0.22 -2.06 -2.34
H44 D33 A 9 1.12 2.03 -2.76
H22' D33 A 9 -1.32 -1.94 -6.24
H12' D33 A 9 -0.35 -0.44 -6.43
H3' D33 A 9 0.57 -1.39 -8.32
C4 D33 A 10 -3.74 0.64 -3.52
C5 D33 A 10 -3.90 -0.43 -4.35
C2 D33 A 10 -4.45 -0.97 -2.30
N1 D33 A 10 -4.33 -1.48 -3.56
P D33 A 10 -1.81 -2.98 -8.69
OP1 D33 A 10 -2.06 -4.05 -9.69
OP2 D33 A 10 -1.90 -1.56 -9.10
O5' D33 A 10 -2.79 -3.21 -7.44
C5' D33 A 10 -2.63 -4.35 -6.61
C4' D33 A 10 -3.63 -4.37 -5.46
O4' D33 A 10 -3.33 -3.33 -4.55
C1' D33 A 10 -4.55 -2.88 -3.97
N3 D33 A 10 -4.09 0.31 -2.24
C2' D33 A 10 -5.63 -3.08 -5.01
C3' D33 A 10 -5.08 -4.19 -5.92
O3' D33 A 10 -5.77 -5.42 -5.72
H15' D33 A 10 -1.62 -4.36 -6.19
H25' D33 A 10 -2.75 -5.25 -7.21
H4' D33 A 10 -3.55 -5.32 -4.94
H1' D33 A 10 -4.77 -3.47 -3.09
H55 D33 A 10 -3.77 -0.45 -5.43
H22 D33 A 10 -4.79 -1.57 -1.46
H44 D33 A 10 -3.33 1.63 -3.76
H22' D33 A 10 -6.55 -3.41 -4.52
H12' D33 A 10 -5.81 -2.16 -5.57
H3' D33 A 10 -5.12 -3.88 -6.96
C4 D33 B 8 -4.23 4.20 1.25
C5 D33 B 8 -4.56 4.62 2.52
C2 D33 B 8 -4.77 2.44 2.35
N1 D33 B 8 -4.89 3.47 3.23
P D33 B 8 -7.43 8.20 5.67
OP1 D33 B 8 -8.01 8.51 7.00
OP2 D33 B 8 -6.55 9.19 5.00
O5' D33 B 8 -6.64 6.81 5.78
C5' D33 B 8 -7.27 5.69 6.41
C4' D33 B 8 -6.46 4.41 6.25
O4' D33 B 8 -6.44 4.06 4.88
C1' D33 B 8 -5.23 3.35 4.64
N3 D33 B 8 -4.39 2.83 1.16
C2' D33 B 8 -4.18 3.93 5.57
C3' D33 B 8 -5.01 4.51 6.72
O3' D33 B 8 -4.82 3.70 7.89
H15' D33 B 8 -8.25 5.56 5.97
H25' D33 B 8 -7.39 5.91 7.47
H4' D33 B 8 -6.96 3.61 6.80
H1' D33 B 8 -5.39 2.30 4.87
H55 D33 B 8 -4.55 5.65 2.89
H22 D33 B 8 -4.98 1.41 2.65
H44 D33 B 8 -3.90 4.80 0.40
H22' D33 B 8 -3.51 3.15 5.94
H12' D33 B 8 -3.62 4.73 5.07
H3' D33 B 8 -4.73 5.55 6.92
C4 D33 B 9 -0.38 2.01 2.61
C5 D33 B 9 -0.56 1.84 3.97
C2 D33 B 9 -0.63 -0.10 2.94
N1 D33 B 9 -0.73 0.49 4.17
P D33 B 9 -3.39 3.63 8.63
OP1 D33 B 9 -3.63 3.25 10.05
OP2 D33 B 9 -2.66 4.87 8.32
O5' D33 B 9 -2.63 2.40 7.91
C5' D33 B 9 -3.12 1.07 8.03
C4' D33 B 9 -2.18 0.06 7.38
O4' D33 B 9 -2.21 0.19 5.96
C1' D33 B 9 -0.93 -0.18 5.46
N3 D33 B 9 -0.42 0.79 1.97
C2' D33 B 9 0.09 0.21 6.53
C3' D33 B 9 -0.73 0.23 7.82
O3' D33 B 9 -0.35 -0.88 8.63
H15' D33 B 9 -4.10 0.99 7.54
H25' D33 B 9 -3.23 0.81 9.07
H4' D33 B 9 -2.50 -0.95 7.64
H1' D33 B 9 -0.90 -1.26 5.31
H55 D33 B 9 -0.55 2.61 4.74
H22 D33 B 9 -0.74 -1.17 2.80
H44 D33 B 9 -0.24 2.95 2.07
H22' D33 B 9 0.88 -0.52 6.59
H12' D33 B 9 0.50 1.21 6.33
H3' D33 B 9 -0.60 1.17 8.35
C4 D33 B 10 3.91 0.29 3.39
C5 D33 B 10 3.73 -0.52 4.49
C2 D33 B 10 3.98 -1.74 2.68
N1 D33 B 10 3.76 -1.82 4.02
P D33 B 10 1.14 -0.96 9.25
OP1 D33 B 10 1.09 -1.72 10.51
OP2 D33 B 10 1.71 0.41 9.25
O5' D33 B 10 1.93 -1.83 8.15
C5' D33 B 10 1.35 -3.03 7.66
C4' D33 B 10 2.24 -3.69 6.62
O4' D33 B 10 2.25 -2.90 5.43
C1' D33 B 10 3.52 -3.05 4.81
N3 D33 B 10 4.05 -0.49 2.27
C2' D33 B 10 4.54 -3.31 5.92
C3' D33 B 10 3.69 -3.87 7.07
O3' D33 B 10 3.92 -5.28 7.25
H15' D33 B 10 0.37 -2.81 7.21
H25' D33 B 10 1.20 -3.73 8.49
H4' D33 B 10 1.82 -4.67 6.36
H1' D33 B 10 3.49 -3.90 4.14
H55 D33 B 10 3.67 -0.21 5.52
H22 D33 B 10 4.06 -2.63 2.05
H44 D33 B 10 3.87 1.37 3.34
H22' D33 B 10 5.27 -4.04 5.60
H12' D33 B 10 5.02 -2.39 6.22
H3' D33 B 10 3.86 -3.33 7.99
AG AG C . 4.54 0.20 0.31
AG AG D . 0.11 0.40 -0.06
AG AG E . -4.22 1.60 -0.56
C4 D33 A 8 5.05 1.59 -2.22
C5 D33 A 8 5.36 1.58 -3.57
C2 D33 A 8 4.77 -0.43 -2.89
N1 D33 A 8 5.18 0.27 -3.99
P D33 A 8 8.77 3.28 -7.35
OP1 D33 A 8 9.10 3.10 -8.78
OP2 D33 A 8 8.15 4.54 -6.91
O5' D33 A 8 7.81 2.07 -6.90
C5' D33 A 8 8.15 0.72 -7.23
C4' D33 A 8 6.97 -0.21 -7.02
O4' D33 A 8 6.75 -0.38 -5.61
C1' D33 A 8 5.36 -0.28 -5.35
N3 D33 A 8 4.68 0.32 -1.82
C2' D33 A 8 4.75 0.58 -6.46
C3' D33 A 8 5.67 0.32 -7.64
O3' D33 A 8 5.09 -0.69 -8.47
H15' D33 A 8 8.98 0.40 -6.60
H25' D33 A 8 8.46 0.68 -8.27
H4' D33 A 8 7.20 -1.19 -7.45
H1' D33 A 8 4.92 -1.27 -5.38
H55 D33 A 8 5.67 2.43 -4.17
H22 D33 A 8 4.54 -1.49 -2.95
H44 D33 A 8 5.08 2.44 -1.53
H22' D33 A 8 3.73 0.25 -6.68
H12' D33 A 8 4.76 1.63 -6.18
H3' D33 A 8 5.86 1.23 -8.21
C4 D33 A 9 0.78 0.88 -3.07
C5 D33 A 9 0.79 0.30 -4.31
C2 D33 A 9 0.44 -1.20 -2.74
N1 D33 A 9 0.58 -1.05 -4.09
P D33 A 9 3.74 -0.39 -9.30
OP1 D33 A 9 3.76 -1.20 -10.54
OP2 D33 A 9 3.56 1.07 -9.37
O5' D33 A 9 2.60 -0.98 -8.33
C5' D33 A 9 2.60 -2.38 -8.01
C4' D33 A 9 1.47 -2.76 -7.06
O4' D33 A 9 1.72 -2.22 -5.77
C1' D33 A 9 0.46 -2.08 -5.12
N3 D33 A 9 0.56 -0.06 -2.11
C2' D33 A 9 -0.56 -1.76 -6.21
C3' D33 A 9 0.09 -2.27 -7.49
O3' D33 A 9 -0.68 -3.36 -7.98
H15' D33 A 9 3.56 -2.63 -7.54
H25' D33 A 9 2.49 -2.95 -8.93
H4' D33 A 9 1.45 -3.84 -6.97
H1' D33 A 9 0.20 -3.03 -4.65
H55 D33 A 9 0.91 0.78 -5.28
H22 D33 A 9 0.25 -2.17 -2.29
H44 D33 A 9 0.93 1.94 -2.82
H22' D33 A 9 -1.49 -2.30 -6.01
H12' D33 A 9 -0.74 -0.69 -6.26
H3' D33 A 9 0.17 -1.47 -8.23
C4 D33 A 10 -3.75 0.06 -3.21
C5 D33 A 10 -3.94 -1.04 -4.01
C2 D33 A 10 -4.08 -1.61 -1.89
N1 D33 A 10 -4.14 -2.11 -3.16
P D33 A 10 -2.21 -3.14 -8.43
OP1 D33 A 10 -2.52 -4.11 -9.49
OP2 D33 A 10 -2.40 -1.69 -8.68
O5' D33 A 10 -3.00 -3.53 -7.10
C5' D33 A 10 -2.66 -4.73 -6.41
C4' D33 A 10 -3.53 -4.96 -5.18
O4' D33 A 10 -3.19 -4.01 -4.16
C1' D33 A 10 -4.38 -3.51 -3.55
N3 D33 A 10 -3.85 -0.30 -1.88
C2' D33 A 10 -5.51 -3.70 -4.55
C3' D33 A 10 -5.04 -4.84 -5.46
O3' D33 A 10 -5.68 -6.07 -5.08
H15' D33 A 10 -1.62 -4.67 -6.09
H25' D33 A 10 -2.77 -5.57 -7.09
H4' D33 A 10 -3.33 -5.96 -4.79
H1' D33 A 10 -4.58 -4.10 -2.66
H55 D33 A 10 -4.01 -1.04 -5.09
H22 D33 A 10 -4.20 -2.24 -1.01
H44 D33 A 10 -3.51 1.08 -3.50
H22' D33 A 10 -6.42 -3.98 -4.04
H12' D33 A 10 -5.66 -2.78 -5.13
H3' D33 A 10 -5.21 -4.61 -6.51
C4 D33 B 8 -4.12 3.71 1.47
C5 D33 B 8 -4.35 4.17 2.75
C2 D33 B 8 -4.49 1.98 2.68
N1 D33 B 8 -4.60 3.05 3.52
P D33 B 8 -6.83 7.88 5.75
OP1 D33 B 8 -7.13 8.22 7.16
OP2 D33 B 8 -5.85 8.70 5.00
O5' D33 B 8 -6.35 6.35 5.68
C5' D33 B 8 -7.10 5.33 6.36
C4' D33 B 8 -6.31 4.04 6.46
O4' D33 B 8 -6.22 3.43 5.16
C1' D33 B 8 -4.88 2.99 4.96
N3 D33 B 8 -4.22 2.34 1.44
C2' D33 B 8 -3.98 3.86 5.82
C3' D33 B 8 -4.88 4.25 6.98
O3' D33 B 8 -4.63 3.38 8.09
H15' D33 B 8 -8.02 5.14 5.80
H25' D33 B 8 -7.35 5.67 7.36
H4' D33 B 8 -6.83 3.35 7.12
H1' D33 B 8 -4.80 1.96 5.29
H55 D33 B 8 -4.34 5.21 3.09
H22 D33 B 8 -4.64 0.95 3.03
H44 D33 B 8 -3.91 4.30 0.57
H22' D33 B 8 -3.11 3.30 6.17
H12' D33 B 8 -3.66 4.75 5.27
H3' D33 B 8 -4.73 5.29 7.27
C4 D33 B 9 -0.28 1.90 2.67
C5 D33 B 9 -0.46 1.71 4.02
C2 D33 B 9 -0.64 -0.19 2.94
N1 D33 B 9 -0.70 0.38 4.18
P D33 B 9 -3.21 3.42 8.86
OP1 D33 B 9 -3.44 3.05 10.27
OP2 D33 B 9 -2.55 4.72 8.54
O5' D33 B 9 -2.38 2.25 8.15
C5' D33 B 9 -2.86 0.91 8.22
C4' D33 B 9 -1.97 -0.07 7.46
O4' D33 B 9 -2.09 0.15 6.07
C1' D33 B 9 -0.89 -0.33 5.47
N3 D33 B 9 -0.39 0.70 1.99
C2' D33 B 9 0.23 -0.08 6.47
C3' D33 B 9 -0.48 0.03 7.81
O3' D33 B 9 -0.10 -1.08 8.61
H15' D33 B 9 -3.86 0.87 7.80
H25' D33 B 9 -2.91 0.60 9.27
H4' D33 B 9 -2.31 -1.09 7.68
H1' D33 B 9 -0.98 -1.40 5.28
H55 D33 B 9 -0.39 2.46 4.81
H22 D33 B 9 -0.82 -1.25 2.79
H44 D33 B 9 -0.08 2.83 2.13
H22' D33 B 9 0.92 -0.93 6.48
H12' D33 B 9 0.76 0.84 6.24
H3' D33 B 9 -0.26 0.98 8.30
C4 D33 B 10 3.71 -0.31 3.24
C5 D33 B 10 3.57 -1.15 4.33
C2 D33 B 10 3.39 -2.28 2.46
N1 D33 B 10 3.35 -2.41 3.82
P D33 B 10 1.44 -1.26 9.06
OP1 D33 B 10 1.47 -1.96 10.36
OP2 D33 B 10 2.12 0.05 8.91
O5' D33 B 10 2.00 -2.25 7.94
C5' D33 B 10 1.24 -3.40 7.57
C4' D33 B 10 1.92 -4.24 6.50
O4' D33 B 10 1.87 -3.53 5.25
C1' D33 B 10 3.13 -3.65 4.58
N3 D33 B 10 3.60 -1.03 2.07
C2' D33 B 10 4.18 -3.92 5.66
C3' D33 B 10 3.39 -4.55 6.81
O3' D33 B 10 3.59 -5.97 6.78
H15' D33 B 10 0.26 -3.08 7.20
H25' D33 B 10 1.09 -4.01 8.46
H4' D33 B 10 1.38 -5.18 6.39
H1' D33 B 10 3.08 -4.49 3.90
H55 D33 B 10 3.67 -0.87 5.37
H22 D33 B 10 3.24 -3.13 1.79
H44 D33 B 10 3.84 0.77 3.24
H22' D33 B 10 4.91 -4.63 5.28
H12' D33 B 10 4.66 -3.00 5.97
H3' D33 B 10 3.69 -4.12 7.77
AG AG C . 4.13 -0.33 0.13
AG AG D . 0.08 0.32 -0.05
AG AG E . -4.02 1.03 -0.23
C4 D33 A 8 4.96 1.28 -2.18
C5 D33 A 8 5.34 1.23 -3.50
C2 D33 A 8 4.67 -0.75 -2.80
N1 D33 A 8 5.15 -0.08 -3.90
P D33 A 8 9.24 2.26 -7.77
OP1 D33 A 8 9.83 1.78 -9.03
OP2 D33 A 8 8.87 3.70 -7.62
O5' D33 A 8 7.94 1.38 -7.45
C5' D33 A 8 8.02 -0.04 -7.55
C4' D33 A 8 6.76 -0.72 -7.01
O4' D33 A 8 6.71 -0.54 -5.61
C1' D33 A 8 5.35 -0.66 -5.24
N3 D33 A 8 4.55 0.03 -1.75
C2' D33 A 8 4.56 0.02 -6.35
C3' D33 A 8 5.45 -0.20 -7.58
O3' D33 A 8 4.86 -1.21 -8.42
H15' D33 A 8 8.88 -0.40 -7.01
H25' D33 A 8 8.12 -0.31 -8.61
H4' D33 A 8 6.84 -1.79 -7.21
H1' D33 A 8 5.09 -1.72 -5.21
H55 D33 A 8 5.72 2.05 -4.10
H22 D33 A 8 4.45 -1.82 -2.84
H44 D33 A 8 4.95 2.14 -1.51
H22' D33 A 8 3.59 -0.45 -6.47
H12' D33 A 8 4.45 1.09 -6.14
H3' D33 A 8 5.60 0.73 -8.13
C4 D33 A 9 0.66 0.28 -2.99
C5 D33 A 9 0.63 -0.30 -4.24
C2 D33 A 9 0.20 -1.78 -2.68
N1 D33 A 9 0.34 -1.62 -4.04
P D33 A 9 3.47 -0.95 -9.20
OP1 D33 A 9 3.50 -1.76 -10.44
OP2 D33 A 9 3.26 0.51 -9.29
O5' D33 A 9 2.35 -1.56 -8.22
C5' D33 A 9 2.29 -2.97 -7.97
C4' D33 A 9 1.15 -3.33 -7.03
O4' D33 A 9 1.41 -2.85 -5.72
C1' D33 A 9 0.15 -2.63 -5.09
N3 D33 A 9 0.39 -0.66 -2.03
C2' D33 A 9 -0.81 -2.19 -6.18
C3' D33 A 9 -0.20 -2.77 -7.46
O3' D33 A 9 -1.01 -3.84 -7.92
H15' D33 A 9 3.24 -3.28 -7.52
H25' D33 A 9 2.16 -3.50 -8.91
H4' D33 A 9 1.07 -4.42 -6.98
H1' D33 A 9 -0.21 -3.55 -4.64
H55 D33 A 9 0.77 0.20 -5.19
H22 D33 A 9 -0.02 -2.75 -2.25
H44 D33 A 9 0.86 1.33 -2.72
H22' D33 A 9 -1.79 -2.60 -6.01
H12' D33 A 9 -0.85 -1.10 -6.25
H3' D33 A 9 -0.08 -2.00 -8.22
C4 D33 A 10 -3.89 -0.20 -3.24
C5 D33 A 10 -4.20 -1.28 -4.04
C2 D33 A 10 -4.32 -1.83 -1.91
N1 D33 A 10 -4.45 -2.33 -3.17
P D33 A 10 -2.53 -3.59 -8.37
OP1 D33 A 10 -2.90 -4.62 -9.38
OP2 D33 A 10 -2.70 -2.15 -8.69
O5' D33 A 10 -3.34 -3.89 -7.02
C5' D33 A 10 -3.13 -5.13 -6.33
C4' D33 A 10 -4.02 -5.23 -5.12
O4' D33 A 10 -3.62 -4.26 -4.17
C1' D33 A 10 -4.77 -3.73 -3.53
N3 D33 A 10 -3.99 -0.56 -1.91
C2' D33 A 10 -5.95 -3.90 -4.47
C3' D33 A 10 -5.50 -4.98 -5.46
O3' D33 A 10 -6.22 -6.21 -5.24
H15' D33 A 10 -2.08 -5.18 -6.01
H25' D33 A 10 -3.32 -5.94 -7.01
H4' D33 A 10 -3.92 -6.22 -4.68
H1' D33 A 10 -4.96 -4.29 -2.62
H55 D33 A 10 -4.30 -1.28 -5.12
H22 D33 A 10 -4.48 -2.45 -1.03
H44 D33 A 10 -3.58 0.80 -3.54
H22' D33 A 10 -6.83 -4.23 -3.92
H12' D33 A 10 -6.15 -2.97 -5.00
H3' D33 A 10 -5.60 -4.64 -6.48
C4 D33 B 8 -4.15 3.41 1.50
C5 D33 B 8 -4.44 3.85 2.77
C2 D33 B 8 -4.53 1.67 2.68
N1 D33 B 8 -4.69 2.72 3.53
P D33 B 8 -7.58 7.24 6.41
OP1 D33 B 8 -8.24 7.34 7.74
OP2 D33 B 8 -6.78 8.38 5.91
O5' D33 B 8 -6.66 5.92 6.41
C5' D33 B 8 -7.19 4.69 6.90
C4' D33 B 8 -6.26 3.52 6.61
O4' D33 B 8 -6.22 3.28 5.22
C1' D33 B 8 -5.00 2.63 4.97
N3 D33 B 8 -4.21 2.03 1.46
C2' D33 B 8 -3.97 3.29 5.87
C3' D33 B 8 -4.81 3.72 7.08
O3' D33 B 8 -4.55 2.83 8.18
H15' D33 B 8 -8.15 4.49 6.44
H25' D33 B 8 -7.33 4.78 7.98
H4' D33 B 8 -6.67 2.64 7.09
H1' D33 B 8 -5.10 1.58 5.24
H55 D33 B 8 -4.49 4.88 3.11
H22 D33 B 8 -4.69 0.63 3.01
H44 D33 B 8 -3.86 4.00 0.62
H22' D33 B 8 -3.19 2.58 6.16
H12' D33 B 8 -3.53 4.16 5.39
H3' D33 B 8 -4.62 4.75 7.35
C4 D33 B 9 -0.35 1.30 2.75
C5 D33 B 9 -0.49 1.11 4.11
C2 D33 B 9 -0.64 -0.80 3.05
N1 D33 B 9 -0.67 -0.23 4.29
P D33 B 9 -3.12 2.83 8.93
OP1 D33 B 9 -3.35 2.45 10.35
OP2 D33 B 9 -2.42 4.10 8.63
O5' D33 B 9 -2.32 1.63 8.22
C5' D33 B 9 -2.76 0.27 8.34
C4' D33 B 9 -1.85 -0.70 7.60
O4' D33 B 9 -2.00 -0.53 6.19
C1' D33 B 9 -0.77 -0.92 5.58
N3 D33 B 9 -0.44 0.09 2.09
C2' D33 B 9 0.33 -0.56 6.56
C3' D33 B 9 -0.37 -0.53 7.92
O3' D33 B 9 0.07 -1.65 8.69
H15' D33 B 9 -3.77 0.19 7.96
H25' D33 B 9 -2.76 0.01 9.40
H4' D33 B 9 -2.15 -1.72 7.85
H1' D33 B 9 -0.77 -2.00 5.42
H55 D33 B 9 -0.40 1.87 4.89
H22 D33 B 9 -0.78 -1.87 2.91
H44 D33 B 9 -0.22 2.24 2.20
H22' D33 B 9 1.13 -1.30 6.56
H12' D33 B 9 0.74 0.44 6.32
H3' D33 B 9 -0.19 0.41 8.45
C4 D33 B 10 3.76 -0.57 3.36
C5 D33 B 10 3.73 -1.42 4.43
C2 D33 B 10 3.54 -2.54 2.56
N1 D33 B 10 3.57 -2.69 3.91
P D33 B 10 1.60 -1.79 9.14
OP1 D33 B 10 1.64 -2.53 10.41
OP2 D33 B 10 2.25 -0.46 9.03
O5' D33 B 10 2.20 -2.73 8.00
C5' D33 B 10 1.54 -3.94 7.63
C4' D33 B 10 2.30 -4.65 6.54
O4' D33 B 10 2.20 -3.90 5.33
C1' D33 B 10 3.43 -3.97 4.64
N3 D33 B 10 3.66 -1.28 2.19
C2' D33 B 10 4.53 -4.26 5.65
C3' D33 B 10 3.79 -4.82 6.85
O3' D33 B 10 4.07 -6.22 7.01
H15' D33 B 10 0.54 -3.70 7.27
H25' D33 B 10 1.47 -4.57 8.50
H4' D33 B 10 1.86 -5.63 6.37
H1' D33 B 10 3.38 -4.78 3.92
H55 D33 B 10 3.89 -1.17 5.47
H22 D33 B 10 3.44 -3.39 1.88
H44 D33 B 10 3.82 0.52 3.36
H22' D33 B 10 5.22 -4.99 5.25
H12' D33 B 10 5.05 -3.34 5.92
H3' D33 B 10 4.05 -4.27 7.76
AG AG C . 4.09 -0.59 0.23
AG AG D . -0.03 -0.28 0.03
AG AG E . -4.08 0.76 -0.24
C4 D33 A 8 5.10 1.40 -1.67
C5 D33 A 8 5.48 1.33 -2.99
C2 D33 A 8 5.03 -0.67 -2.20
N1 D33 A 8 5.42 -0.01 -3.32
P D33 A 8 9.27 2.85 -6.77
OP1 D33 A 8 9.95 2.52 -8.05
OP2 D33 A 8 8.75 4.21 -6.53
O5' D33 A 8 8.08 1.81 -6.55
C5' D33 A 8 8.29 0.42 -6.81
C4' D33 A 8 7.09 -0.41 -6.41
O4' D33 A 8 6.99 -0.44 -4.99
C1' D33 A 8 5.62 -0.60 -4.65
N3 D33 A 8 4.82 0.15 -1.19
C2' D33 A 8 4.81 0.08 -5.73
C3' D33 A 8 5.77 0.15 -6.93
O3' D33 A 8 5.26 -0.68 -7.97
H15' D33 A 8 9.17 0.08 -6.25
H25' D33 A 8 8.47 0.28 -7.88
H4' D33 A 8 7.22 -1.43 -6.77
H1' D33 A 8 5.38 -1.65 -4.61
H55 D33 A 8 5.77 2.16 -3.64
H22 D33 A 8 4.92 -1.75 -2.17
H44 D33 A 8 4.99 2.29 -1.05
H22' D33 A 8 3.94 -0.51 -5.98
H12' D33 A 8 4.52 1.09 -5.43
H3' D33 A 8 5.89 1.19 -7.27
C4 D33 A 9 0.85 0.27 -2.95
C5 D33 A 9 0.92 -0.33 -4.19
C2 D33 A 9 0.39 -1.80 -2.65
N1 D33 A 9 0.63 -1.66 -3.98
P D33 A 9 3.88 -0.31 -8.68
OP1 D33 A 9 3.88 -0.86 -10.05
OP2 D33 A 9 3.61 1.14 -8.46
O5' D33 A 9 2.82 -1.15 -7.81
C5' D33 A 9 2.97 -2.56 -7.70
C4' D33 A 9 1.83 -3.18 -6.91
O4' D33 A 9 1.92 -2.80 -5.55
C1' D33 A 9 0.61 -2.71 -5.00
N3 D33 A 9 0.52 -0.66 -2.00
C2' D33 A 9 -0.35 -2.44 -6.16
C3' D33 A 9 0.47 -2.73 -7.43
O3' D33 A 9 -0.11 -3.81 -8.16
H15' D33 A 9 3.91 -2.78 -7.19
H25' D33 A 9 2.99 -2.99 -8.69
H4' D33 A 9 1.89 -4.27 -6.98
H1' D33 A 9 0.35 -3.66 -4.53
H55 D33 A 9 1.13 0.15 -5.14
H22 D33 A 9 0.14 -2.76 -2.21
H44 D33 A 9 1.03 1.32 -2.69
H22' D33 A 9 -1.22 -3.10 -6.11
H12' D33 A 9 -0.67 -1.40 -6.15
H3' D33 A 9 0.56 -1.84 -8.04
C4 D33 A 10 -3.61 -0.02 -3.81
C5 D33 A 10 -3.75 -1.08 -4.67
C2 D33 A 10 -4.21 -1.70 -2.61
N1 D33 A 10 -4.13 -2.16 -3.89
P D33 A 10 -1.50 -3.64 -8.95
OP1 D33 A 10 -1.64 -4.76 -9.91
OP2 D33 A 10 -1.60 -2.24 -9.43
O5' D33 A 10 -2.58 -3.84 -7.79
C5' D33 A 10 -2.55 -5.04 -7.03
C4' D33 A 10 -3.57 -5.02 -5.90
O4' D33 A 10 -3.21 -4.03 -4.96
C1' D33 A 10 -4.40 -3.53 -4.35
N3 D33 A 10 -3.91 -0.42 -2.52
C2' D33 A 10 -5.51 -3.64 -5.39
C3' D33 A 10 -4.99 -4.70 -6.37
O3' D33 A 10 -5.77 -5.90 -6.27
H15' D33 A 10 -1.56 -5.17 -6.59
H25' D33 A 10 -2.75 -5.88 -7.68
H4' D33 A 10 -3.58 -5.99 -5.40
H1' D33 A 10 -4.65 -4.15 -3.49
H55 D33 A 10 -3.65 -1.07 -5.75
H22 D33 A 10 -4.49 -2.35 -1.78
H44 D33 A 10 -3.29 0.99 -4.03
H22' D33 A 10 -6.42 -3.97 -4.93
H12' D33 A 10 -5.65 -2.69 -5.90
H3' D33 A 10 -4.99 -4.32 -7.40
C4 D33 B 8 -4.27 3.41 0.98
C5 D33 B 8 -4.58 3.83 2.25
C2 D33 B 8 -4.86 1.65 2.06
N1 D33 B 8 -4.95 2.69 2.94
P D33 B 8 -7.48 7.47 5.29
OP1 D33 B 8 -8.15 7.75 6.58
OP2 D33 B 8 -6.54 8.48 4.72
O5' D33 B 8 -6.70 6.08 5.41
C5' D33 B 8 -7.35 4.97 6.04
C4' D33 B 8 -6.51 3.72 5.94
O4' D33 B 8 -6.51 3.27 4.59
C1' D33 B 8 -5.28 2.58 4.37
N3 D33 B 8 -4.45 2.05 0.88
C2' D33 B 8 -4.24 3.23 5.27
C3' D33 B 8 -5.07 3.93 6.35
O3' D33 B 8 -4.81 3.32 7.60
H15' D33 B 8 -8.31 4.81 5.55
H25' D33 B 8 -7.52 5.21 7.09
H4' D33 B 8 -6.95 2.95 6.57
H1' D33 B 8 -5.39 1.53 4.64
H55 D33 B 8 -4.55 4.85 2.63
H22 D33 B 8 -5.11 0.63 2.34
H44 D33 B 8 -3.89 4.01 0.15
H22' D33 B 8 -3.60 2.46 5.72
H12' D33 B 8 -3.64 3.95 4.72
H3' D33 B 8 -4.82 5.00 6.38
C4 D33 B 9 -0.54 1.32 2.72
C5 D33 B 9 -0.78 1.15 4.07
C2 D33 B 9 -0.82 -0.79 3.02
N1 D33 B 9 -0.96 -0.21 4.24
P D33 B 9 -3.34 3.38 8.24
OP1 D33 B 9 -3.46 3.27 9.71
OP2 D33 B 9 -2.63 4.52 7.64
O5' D33 B 9 -2.67 2.02 7.69
C5' D33 B 9 -3.28 0.77 7.96
C4' D33 B 9 -2.45 -0.38 7.43
O4' D33 B 9 -2.47 -0.39 6.01
C1' D33 B 9 -1.24 -0.90 5.53
N3 D33 B 9 -0.57 0.10 2.07
C2' D33 B 9 -0.18 -0.66 6.60
C3' D33 B 9 -0.99 -0.29 7.86
O3' D33 B 9 -0.77 -1.25 8.91
H15' D33 B 9 -4.26 0.73 7.49
H25' D33 B 9 -3.40 0.64 9.03
H4' D33 B 9 -2.86 -1.33 7.79
H1' D33 B 9 -1.32 -1.97 5.34
H55 D33 B 9 -0.78 1.90 4.84
H22 D33 B 9 -0.92 -1.86 2.87
H44 D33 B 9 -0.40 2.27 2.18
H22' D33 B 9 0.40 -1.55 6.77
H12' D33 B 9 0.46 0.18 6.32
H3' D33 B 9 -0.76 0.71 8.19
C4 D33 B 10 3.58 -0.18 3.84
C5 D33 B 10 3.41 -0.95 4.96
C2 D33 B 10 3.54 -2.21 3.18
N1 D33 B 10 3.36 -2.27 4.52
P D33 B 10 0.64 -1.36 9.67
OP1 D33 B 10 0.46 -2.18 10.89
OP2 D33 B 10 1.22 0.00 9.78
O5' D33 B 10 1.52 -2.19 8.62
C5' D33 B 10 1.06 -3.49 8.23
C4' D33 B 10 1.99 -4.12 7.22
O4' D33 B 10 1.93 -3.37 6.00
C1' D33 B 10 3.19 -3.47 5.35
N3 D33 B 10 3.67 -0.98 2.72
C2' D33 B 10 4.25 -3.65 6.44
C3' D33 B 10 3.45 -4.17 7.65
O3' D33 B 10 3.77 -5.53 7.92
H15' D33 B 10 0.06 -3.40 7.81
H25' D33 B 10 1.01 -4.11 9.11
H4' D33 B 10 1.65 -5.13 7.01
H1' D33 B 10 3.19 -4.35 4.70
H55 D33 B 10 3.35 -0.60 5.98
H22 D33 B 10 3.54 -3.12 2.56
H44 D33 B 10 3.62 0.91 3.76
H22' D33 B 10 4.98 -4.38 6.12
H12' D33 B 10 4.72 -2.70 6.66
H3' D33 B 10 3.62 -3.54 8.52
AG AG C . 4.24 -0.39 0.78
AG AG D . -0.03 -0.27 0.03
AG AG E . -4.17 0.83 -0.84
C4 D33 A 8 4.74 1.64 -2.12
C5 D33 A 8 5.05 1.62 -3.46
C2 D33 A 8 4.44 -0.39 -2.79
N1 D33 A 8 4.86 0.31 -3.88
P D33 A 8 8.57 3.24 -7.52
OP1 D33 A 8 9.05 3.00 -8.90
OP2 D33 A 8 8.08 4.58 -7.13
O5' D33 A 8 7.39 2.19 -7.22
C5' D33 A 8 7.58 0.81 -7.51
C4' D33 A 8 6.41 -0.04 -7.05
O4' D33 A 8 6.38 -0.03 -5.63
C1' D33 A 8 5.04 -0.24 -5.22
N3 D33 A 8 4.36 0.37 -1.70
C2' D33 A 8 4.15 0.39 -6.29
C3' D33 A 8 5.05 0.47 -7.52
O3' D33 A 8 4.54 -0.40 -8.53
H15' D33 A 8 8.49 0.46 -7.03
H25' D33 A 8 7.69 0.69 -8.59
H4' D33 A 8 6.54 -1.06 -7.38
H1' D33 A 8 4.85 -1.31 -5.18
H55 D33 A 8 5.39 2.45 -4.07
H22 D33 A 8 4.23 -1.44 -2.83
H44 D33 A 8 4.77 2.49 -1.43
H22' D33 A 8 3.28 -0.24 -6.49
H12' D33 A 8 3.83 1.39 -5.97
H3' D33 A 8 5.13 1.50 -7.88
C4 D33 A 9 0.55 0.98 -3.14
C5 D33 A 9 0.46 0.36 -4.36
C2 D33 A 9 0.22 -1.10 -2.74
N1 D33 A 9 0.25 -0.97 -4.10
P D33 A 9 3.12 -0.08 -9.24
OP1 D33 A 9 3.09 -0.78 -10.54
OP2 D33 A 9 2.91 1.38 -9.19
O5' D33 A 9 2.05 -0.78 -8.26
C5' D33 A 9 2.07 -2.19 -8.06
C4' D33 A 9 0.97 -2.65 -7.11
O4' D33 A 9 1.26 -2.21 -5.79
C1' D33 A 9 0.04 -2.04 -5.09
N3 D33 A 9 0.40 0.05 -2.14
C2' D33 A 9 -1.04 -1.71 -6.11
C3' D33 A 9 -0.42 -2.13 -7.44
O3' D33 A 9 -1.23 -3.17 -7.98
H15' D33 A 9 3.03 -2.49 -7.66
H25' D33 A 9 1.92 -2.69 -9.02
H4' D33 A 9 0.93 -3.75 -7.11
H1' D33 A 9 -0.21 -2.96 -4.57
H55 D33 A 9 0.53 0.83 -5.34
H22 D33 A 9 0.07 -2.06 -2.27
H44 D33 A 9 0.72 2.04 -2.93
H22' D33 A 9 -1.93 -2.30 -5.90
H12' D33 A 9 -1.25 -0.65 -6.10
H3' D33 A 9 -0.37 -1.28 -8.13
C4 D33 A 10 -3.94 0.04 -3.36
C5 D33 A 10 -4.32 -1.02 -4.15
C2 D33 A 10 -4.23 -1.62 -2.03
N1 D33 A 10 -4.49 -2.10 -3.30
P D33 A 10 -2.76 -2.87 -8.36
OP1 D33 A 10 -3.14 -3.76 -9.49
OP2 D33 A 10 -2.95 -1.41 -8.48
O5' D33 A 10 -3.55 -3.38 -7.05
C5' D33 A 10 -3.24 -4.64 -6.49
C4' D33 A 10 -4.13 -4.99 -5.29
O4' D33 A 10 -3.76 -4.16 -4.17
C1' D33 A 10 -4.90 -3.47 -3.67
N3 D33 A 10 -3.89 -0.34 -2.04
C2' D33 A 10 -5.98 -3.53 -4.74
C3' D33 A 10 -5.62 -4.78 -5.54
O3' D33 A 10 -6.36 -5.91 -5.01
H15' D33 A 10 -2.20 -4.64 -6.17
H25' D33 A 10 -3.37 -5.40 -7.25
H4' D33 A 10 -3.96 -6.03 -5.01
H1' D33 A 10 -5.26 -3.99 -2.78
H55 D33 A 10 -4.51 -0.99 -5.22
H22 D33 A 10 -4.29 -2.26 -1.16
H44 D33 A 10 -3.67 1.05 -3.67
H22' D33 A 10 -6.97 -3.63 -4.29
H12' D33 A 10 -5.94 -2.65 -5.37
H3' D33 A 10 -5.83 -4.63 -6.60
C4 D33 B 8 -3.83 3.63 1.36
C5 D33 B 8 -4.06 4.09 2.64
C2 D33 B 8 -4.18 1.89 2.56
N1 D33 B 8 -4.29 2.96 3.41
P D33 B 8 -6.63 7.83 5.93
OP1 D33 B 8 -7.10 8.15 7.30
OP2 D33 B 8 -5.76 8.78 5.21
O5' D33 B 8 -5.89 6.40 5.99
C5' D33 B 8 -6.51 5.30 6.65
C4' D33 B 8 -5.71 4.02 6.48
O4' D33 B 8 -5.76 3.63 5.11
C1' D33 B 8 -4.58 2.88 4.85
N3 D33 B 8 -3.91 2.26 1.32
C2' D33 B 8 -3.48 3.44 5.73
C3' D33 B 8 -4.25 4.16 6.86
O3' D33 B 8 -4.00 3.47 8.09
H15' D33 B 8 -7.51 5.15 6.24
H25' D33 B 8 -6.60 5.52 7.71
H4' D33 B 8 -6.17 3.22 7.08
H1' D33 B 8 -4.76 1.84 5.11
H55 D33 B 8 -4.05 5.13 2.98
H22 D33 B 8 -4.33 0.88 2.92
H44 D33 B 8 -3.62 4.22 0.46
H22' D33 B 8 -2.87 2.65 6.14
H12' D33 B 8 -2.87 4.16 5.19
H3' D33 B 8 -3.95 5.21 6.91
C4 D33 B 9 -0.02 1.93 2.72
C5 D33 B 9 -0.12 1.68 4.07
C2 D33 B 9 -0.42 -0.17 2.93
N1 D33 B 9 -0.37 0.34 4.19
P D33 B 9 -2.52 3.49 8.75
OP1 D33 B 9 -2.65 3.18 10.19
OP2 D33 B 9 -1.84 4.73 8.31
O5' D33 B 9 -1.79 2.24 8.04
C5' D33 B 9 -2.28 0.92 8.25
C4' D33 B 9 -1.46 -0.13 7.52
O4' D33 B 9 -1.66 0.01 6.11
C1' D33 B 9 -0.48 -0.42 5.44
N3 D33 B 9 -0.21 0.76 2.01
C2' D33 B 9 0.69 -0.21 6.39
C3' D33 B 9 0.05 -0.02 7.76
O3' D33 B 9 0.49 -1.08 8.60
H15' D33 B 9 -3.32 0.87 7.91
H25' D33 B 9 -2.26 0.69 9.32
H4' D33 B 9 -1.79 -1.12 7.82
H1' D33 B 9 -0.56 -1.49 5.21
H55 D33 B 9 0.01 2.39 4.88
H22 D33 B 9 -0.60 -1.22 2.74
H44 D33 B 9 0.15 2.88 2.21
H22' D33 B 9 1.34 -1.09 6.39
H12' D33 B 9 1.26 0.68 6.10
H3' D33 B 9 0.30 0.95 8.18
C4 D33 B 10 3.88 -0.35 3.40
C5 D33 B 10 3.93 -1.22 4.47
C2 D33 B 10 3.53 -2.31 2.60
N1 D33 B 10 3.70 -2.48 3.96
P D33 B 10 2.06 -1.23 8.95
OP1 D33 B 10 2.19 -1.84 10.29
OP2 D33 B 10 2.71 0.08 8.66
O5' D33 B 10 2.57 -2.29 7.86
C5' D33 B 10 1.83 -3.49 7.65
C4' D33 B 10 2.49 -4.42 6.63
O4' D33 B 10 2.36 -3.85 5.33
C1' D33 B 10 3.64 -3.75 4.70
N3 D33 B 10 3.65 -1.04 2.24
C2' D33 B 10 4.70 -3.87 5.80
C3' D33 B 10 3.99 -4.66 6.89
O3' D33 B 10 4.28 -6.06 6.73
H15' D33 B 10 0.83 -3.24 7.30
H25' D33 B 10 1.74 -4.01 8.61
H4' D33 B 10 1.98 -5.38 6.65
H1' D33 B 10 3.76 -4.58 4.01
H55 D33 B 10 4.18 -0.97 5.49
H22 D33 B 10 3.34 -3.14 1.94
H44 D33 B 10 3.98 0.74 3.42
H22' D33 B 10 5.57 -4.41 5.44
H12' D33 B 10 4.99 -2.88 6.16
H3' D33 B 10 4.29 -4.31 7.88
AG AG C . 3.99 -0.30 0.27
AG AG D . 0.10 0.44 -0.07
AG AG E . -3.89 0.98 -0.37
C4 D33 A 8 5.09 3.21 -2.56
C5 D33 A 8 5.46 3.14 -3.88
C2 D33 A 8 4.74 1.19 -3.18
N1 D33 A 8 5.22 1.85 -4.28
P D33 A 8 9.47 4.12 -7.90
OP1 D33 A 8 9.98 3.75 -9.25
OP2 D33 A 8 9.14 5.53 -7.60
O5' D33 A 8 8.18 3.22 -7.60
C5' D33 A 8 8.24 1.81 -7.74
C4' D33 A 8 6.95 1.14 -7.29
O4' D33 A 8 6.81 1.26 -5.88
C1' D33 A 8 5.43 1.25 -5.60
N3 D33 A 8 4.65 1.97 -2.13
C2' D33 A 8 4.76 2.01 -6.73
C3' D33 A 8 5.68 1.73 -7.91
O3' D33 A 8 5.07 0.77 -8.78
H15' D33 A 8 9.07 1.42 -7.14
H25' D33 A 8 8.42 1.56 -8.80
H4' D33 A 8 6.99 0.07 -7.53
H1' D33 A 8 5.07 0.23 -5.59
H55 D33 A 8 5.85 3.96 -4.49
H22 D33 A 8 4.46 0.14 -3.23
H44 D33 A 8 5.09 4.08 -1.90
H22' D33 A 8 3.76 1.62 -6.92
H12' D33 A 8 4.73 3.08 -6.52
H3' D33 A 8 5.91 2.65 -8.44
C4 D33 A 9 0.69 2.38 -3.32
C5 D33 A 9 0.62 1.81 -4.57
C2 D33 A 9 0.34 0.28 -3.01
N1 D33 A 9 0.40 0.47 -4.37
P D33 A 9 3.69 1.12 -9.53
OP1 D33 A 9 3.64 0.37 -10.79
OP2 D33 A 9 3.52 2.59 -9.53
O5' D33 A 9 2.56 0.52 -8.53
C5' D33 A 9 2.51 -0.89 -8.25
C4' D33 A 9 1.34 -1.26 -7.33
O4' D33 A 9 1.55 -0.74 -6.02
C1' D33 A 9 0.27 -0.56 -5.42
N3 D33 A 9 0.52 1.41 -2.36
C2' D33 A 9 -0.69 -0.19 -6.55
C3' D33 A 9 -0.02 -0.74 -7.81
O3' D33 A 9 -0.78 -1.84 -8.31
H15' D33 A 9 3.45 -1.17 -7.75
H25' D33 A 9 2.41 -1.45 -9.18
H4' D33 A 9 1.29 -2.35 -7.25
H1' D33 A 9 -0.04 -1.50 -4.97
H55 D33 A 9 0.70 2.32 -5.53
H22 D33 A 9 0.18 -0.70 -2.57
H44 D33 A 9 0.87 3.42 -3.05
H22' D33 A 9 -1.66 -0.67 -6.39
H12' D33 A 9 -0.80 0.89 -6.62
H3' D33 A 9 0.10 0.04 -8.56
C4 D33 A 10 -3.79 1.78 -3.46
C5 D33 A 10 -4.03 0.69 -4.25
C2 D33 A 10 -3.91 0.09 -2.14
N1 D33 A 10 -4.09 -0.40 -3.41
P D33 A 10 -2.28 -1.64 -8.86
OP1 D33 A 10 -2.54 -2.69 -9.88
OP2 D33 A 10 -2.48 -0.22 -9.19
O5' D33 A 10 -3.13 -1.99 -7.54
C5' D33 A 10 -2.78 -3.15 -6.79
C4' D33 A 10 -3.54 -3.23 -5.47
O4' D33 A 10 -3.15 -2.15 -4.64
C1' D33 A 10 -4.23 -1.82 -3.78
N3 D33 A 10 -3.73 1.40 -2.13
C2' D33 A 10 -5.51 -2.16 -4.54
C3' D33 A 10 -5.07 -3.17 -5.60
O3' D33 A 10 -5.59 -4.47 -5.29
H15' D33 A 10 -1.71 -3.11 -6.57
H25' D33 A 10 -2.99 -4.03 -7.38
H4' D33 A 10 -3.27 -4.16 -4.98
H1' D33 A 10 -4.18 -2.43 -2.89
H55 D33 A 10 -4.22 0.69 -5.32
H22 D33 A 10 -3.92 -0.55 -1.26
H44 D33 A 10 -3.63 2.81 -3.76
H22' D33 A 10 -6.24 -2.60 -3.86
H12' D33 A 10 -5.93 -1.27 -5.01
H3' D33 A 10 -5.37 -2.85 -6.60
C4 D33 B 8 -3.60 5.31 1.33
C5 D33 B 8 -3.91 5.73 2.61
C2 D33 B 8 -3.93 3.55 2.50
N1 D33 B 8 -4.11 4.59 3.35
P D33 B 8 -7.18 9.04 6.02
OP1 D33 B 8 -7.73 9.24 7.38
OP2 D33 B 8 -6.43 10.12 5.36
O5' D33 B 8 -6.27 7.71 6.03
C5' D33 B 8 -6.81 6.49 6.55
C4' D33 B 8 -5.82 5.35 6.36
O4' D33 B 8 -5.73 5.03 4.98
C1' D33 B 8 -4.43 4.50 4.78
N3 D33 B 8 -3.63 3.93 1.28
C2' D33 B 8 -3.50 5.26 5.69
C3' D33 B 8 -4.40 5.63 6.85
O3' D33 B 8 -4.10 4.79 7.98
H15' D33 B 8 -7.74 6.27 6.04
H25' D33 B 8 -7.01 6.61 7.62
H4' D33 B 8 -6.21 4.46 6.88
H1' D33 B 8 -4.43 3.43 5.06
H55 D33 B 8 -3.98 6.76 2.95
H22 D33 B 8 -4.04 2.51 2.84
H44 D33 B 8 -3.34 5.91 0.46
H22' D33 B 8 -2.68 4.62 6.02
H12' D33 B 8 -3.12 6.16 5.19
H3' D33 B 8 -4.29 6.68 7.11
C4 D33 B 9 0.32 3.29 2.49
C5 D33 B 9 0.23 3.10 3.85
C2 D33 B 9 -0.07 1.20 2.80
N1 D33 B 9 -0.03 1.76 4.05
P D33 B 9 -2.65 4.84 8.65
OP1 D33 B 9 -2.79 4.50 10.09
OP2 D33 B 9 -2.01 6.13 8.28
O5' D33 B 9 -1.83 3.65 7.93
C5' D33 B 9 -2.27 2.30 8.04
C4' D33 B 9 -1.33 1.33 7.33
O4' D33 B 9 -1.42 1.51 5.92
C1' D33 B 9 -0.19 1.07 5.35
N3 D33 B 9 0.13 2.08 1.84
C2' D33 B 9 0.90 1.40 6.36
C3' D33 B 9 0.15 1.48 7.70
O3' D33 B 9 0.53 0.38 8.52
H15' D33 B 9 -3.26 2.21 7.62
H25' D33 B 9 -2.31 2.03 9.10
H4' D33 B 9 -1.64 0.31 7.55
H1' D33 B 9 -0.22 0.00 5.18
H55 D33 B 9 0.36 3.86 4.63
H22 D33 B 9 -0.26 0.13 2.66
H44 D33 B 9 0.47 4.22 1.95
H22' D33 B 9 1.64 0.60 6.40
H12' D33 B 9 1.38 2.36 6.13
H3' D33 B 9 0.33 2.43 8.19
C4 D33 B 10 4.35 1.31 3.01
C5 D33 B 10 4.24 0.46 4.08
C2 D33 B 10 3.81 -0.62 2.22
N1 D33 B 10 3.87 -0.78 3.58
P D33 B 10 2.03 0.21 9.07
OP1 D33 B 10 1.98 -0.53 10.34
OP2 D33 B 10 2.71 1.52 9.00
O5' D33 B 10 2.65 -0.75 7.94
C5' D33 B 10 1.90 -1.88 7.51
C4' D33 B 10 2.52 -2.58 6.31
O4' D33 B 10 2.48 -1.69 5.21
C1' D33 B 10 3.56 -2.00 4.34
N3 D33 B 10 4.08 0.62 1.85
C2' D33 B 10 4.70 -2.51 5.22
C3' D33 B 10 3.98 -3.00 6.49
O3' D33 B 10 4.04 -4.44 6.56
H15' D33 B 10 0.90 -1.56 7.25
H25' D33 B 10 1.84 -2.59 8.35
H4' D33 B 10 1.93 -3.47 6.08
H1' D33 B 10 3.25 -2.78 3.65
H55 D33 B 10 4.46 0.70 5.12
H22 D33 B 10 3.54 -1.44 1.56
H44 D33 B 10 4.55 2.38 3.00
H22' D33 B 10 5.21 -3.33 4.72
H12' D33 B 10 5.39 -1.71 5.45
H3' D33 B 10 4.42 -2.55 7.38
AG AG C . 4.36 1.32 -0.13
AG AG D . 0.32 1.74 -0.26
AG AG E . -3.67 2.68 -0.45
C4 D33 A 8 5.19 1.63 -1.63
C5 D33 A 8 5.61 1.57 -2.94
C2 D33 A 8 5.20 -0.44 -2.18
N1 D33 A 8 5.61 0.24 -3.28
P D33 A 8 9.36 3.32 -6.63
OP1 D33 A 8 9.95 3.13 -7.97
OP2 D33 A 8 8.80 4.64 -6.25
O5' D33 A 8 8.24 2.21 -6.40
C5' D33 A 8 8.55 0.84 -6.67
C4' D33 A 8 7.41 -0.09 -6.29
O4' D33 A 8 7.27 -0.09 -4.88
C1' D33 A 8 5.90 -0.35 -4.60
N3 D33 A 8 4.94 0.37 -1.17
C2' D33 A 8 5.07 0.24 -5.72
C3' D33 A 8 6.06 0.34 -6.88
O3' D33 A 8 5.67 -0.60 -7.89
H15' D33 A 8 9.44 0.56 -6.10
H25' D33 A 8 8.76 0.73 -7.73
H4' D33 A 8 7.64 -1.09 -6.62
H1' D33 A 8 5.74 -1.43 -4.55
H55 D33 A 8 5.90 2.42 -3.58
H22 D33 A 8 5.11 -1.53 -2.16
H44 D33 A 8 5.07 2.52 -1.00
H22' D33 A 8 4.25 -0.41 -5.97
H12' D33 A 8 4.70 1.24 -5.45
H3' D33 A 8 6.10 1.35 -7.27
C4 D33 A 9 1.06 0.15 -2.82
C5 D33 A 9 1.21 -0.42 -4.07
C2 D33 A 9 0.64 -1.94 -2.58
N1 D33 A 9 0.94 -1.76 -3.91
P D33 A 9 4.29 -0.42 -8.67
OP1 D33 A 9 4.40 -1.09 -9.98
OP2 D33 A 9 3.89 1.01 -8.59
O5' D33 A 9 3.26 -1.28 -7.76
C5' D33 A 9 3.44 -2.69 -7.57
C4' D33 A 9 2.28 -3.30 -6.80
O4' D33 A 9 2.30 -2.88 -5.44
C1' D33 A 9 0.97 -2.78 -4.96
N3 D33 A 9 0.71 -0.82 -1.91
C2' D33 A 9 0.10 -2.44 -6.17
C3' D33 A 9 0.92 -2.89 -7.38
O3' D33 A 9 0.32 -4.05 -7.99
H15' D33 A 9 4.36 -2.86 -7.01
H25' D33 A 9 3.52 -3.18 -8.54
H4' D33 A 9 2.37 -4.38 -6.84
H1' D33 A 9 0.65 -3.74 -4.55
H55 D33 A 9 1.46 0.09 -4.99
H22 D33 A 9 0.40 -2.92 -2.19
H44 D33 A 9 1.22 1.19 -2.53
H22' D33 A 9 -0.84 -2.99 -6.12
H12' D33 A 9 -0.09 -1.38 -6.22
H3' D33 A 9 1.04 -2.08 -8.10
C4 D33 A 10 -3.48 0.06 -3.79
C5 D33 A 10 -3.60 -1.01 -4.63
C2 D33 A 10 -4.30 -1.54 -2.62
N1 D33 A 10 -4.10 -2.04 -3.88
P D33 A 10 -1.08 -3.93 -8.79
OP1 D33 A 10 -1.25 -5.15 -9.60
OP2 D33 A 10 -1.12 -2.60 -9.44
O5' D33 A 10 -2.18 -3.95 -7.61
C5' D33 A 10 -2.28 -5.09 -6.76
C4' D33 A 10 -3.44 -4.97 -5.76
O4' D33 A 10 -3.13 -3.95 -4.82
C1' D33 A 10 -4.36 -3.43 -4.32
N3 D33 A 10 -3.93 -0.28 -2.54
C2' D33 A 10 -5.37 -3.54 -5.45
C3' D33 A 10 -4.80 -4.61 -6.38
O3' D33 A 10 -5.65 -5.75 -6.35
H15' D33 A 10 -1.35 -5.20 -6.22
H25' D33 A 10 -2.44 -5.97 -7.38
H4' D33 A 10 -3.53 -5.92 -5.22
H1' D33 A 10 -4.69 -4.02 -3.48
H55 D33 A 10 -3.41 -1.02 -5.70
H22 D33 A 10 -4.73 -2.14 -1.82
H44 D33 A 10 -3.05 1.03 -4.01
H22' D33 A 10 -6.34 -3.86 -5.06
H12' D33 A 10 -5.48 -2.59 -5.98
H3' D33 A 10 -4.67 -4.23 -7.39
C4 D33 B 8 -4.27 3.65 0.87
C5 D33 B 8 -4.62 4.10 2.13
C2 D33 B 8 -4.95 1.94 1.97
N1 D33 B 8 -5.05 2.99 2.82
P D33 B 8 -7.40 7.95 5.01
OP1 D33 B 8 -7.95 8.33 6.33
OP2 D33 B 8 -6.46 8.84 4.30
O5' D33 B 8 -6.72 6.50 5.16
C5' D33 B 8 -7.46 5.45 5.77
C4' D33 B 8 -6.71 4.12 5.72
O4' D33 B 8 -6.65 3.68 4.37
C1' D33 B 8 -5.47 2.91 4.22
N3 D33 B 8 -4.48 2.29 0.80
C2' D33 B 8 -4.43 3.48 5.19
C3' D33 B 8 -5.28 4.21 6.24
O3' D33 B 8 -5.18 3.50 7.48
H15' D33 B 8 -8.41 5.33 5.26
H25' D33 B 8 -7.64 5.70 6.82
H4' D33 B 8 -7.25 3.38 6.30
H1' D33 B 8 -5.67 1.88 4.47
H55 D33 B 8 -4.57 5.13 2.49
H22 D33 B 8 -5.24 0.93 2.27
H44 D33 B 8 -3.89 4.23 0.03
H22' D33 B 8 -3.86 2.67 5.64
H12' D33 B 8 -3.77 4.18 4.67
H3' D33 B 8 -4.95 5.24 6.34
C4 D33 B 9 -0.79 1.26 2.61
C5 D33 B 9 -1.10 1.14 3.95
C2 D33 B 9 -1.10 -0.83 2.99
N1 D33 B 9 -1.29 -0.20 4.18
P D33 B 9 -3.77 3.40 8.24
OP1 D33 B 9 -4.04 3.20 9.68
OP2 D33 B 9 -2.93 4.54 7.80
O5' D33 B 9 -3.12 2.05 7.64
C5' D33 B 9 -3.77 0.79 7.83
C4' D33 B 9 -2.92 -0.36 7.32
O4' D33 B 9 -2.87 -0.35 5.89
C1' D33 B 9 -1.60 -0.83 5.48
N3 D33 B 9 -0.79 0.01 2.01
C2' D33 B 9 -0.60 -0.48 6.58
C3' D33 B 9 -1.48 -0.28 7.82
O3' D33 B 9 -1.27 -1.34 8.78
H15' D33 B 9 -4.72 0.78 7.30
H25' D33 B 9 -3.95 0.64 8.89
H4' D33 B 9 -3.35 -1.30 7.65
H1' D33 B 9 -1.63 -1.91 5.36
H55 D33 B 9 -1.13 1.93 4.69
H22 D33 B 9 -1.21 -1.92 2.88
H44 D33 B 9 -0.61 2.17 2.04
H22' D33 B 9 0.10 -1.29 6.74
H12' D33 B 9 -0.07 0.44 6.35
H3' D33 B 9 -1.29 0.69 8.28
C4 D33 B 10 3.48 -0.05 3.80
C5 D33 B 10 3.28 -0.83 4.91
C2 D33 B 10 3.66 -2.09 3.15
N1 D33 B 10 3.37 -2.14 4.49
P D33 B 10 0.13 -1.49 9.56
OP1 D33 B 10 -0.07 -2.43 10.67
OP2 D33 B 10 0.64 -0.13 9.84
O5' D33 B 10 1.10 -2.18 8.47
C5' D33 B 10 0.79 -3.48 7.98
C4' D33 B 10 1.87 -4.05 7.05
O4' D33 B 10 1.88 -3.28 5.85
C1' D33 B 10 3.19 -3.34 5.30
N3 D33 B 10 3.73 -0.85 2.71
C2' D33 B 10 4.16 -3.47 6.46
C3' D33 B 10 3.29 -4.00 7.61
O3' D33 B 10 3.72 -5.33 7.94
H15' D33 B 10 -0.16 -3.44 7.45
H25' D33 B 10 0.68 -4.15 8.84
H4' D33 B 10 1.61 -5.07 6.80
H1' D33 B 10 3.26 -4.23 4.66
H55 D33 B 10 3.14 -0.48 5.92
H22 D33 B 10 3.82 -2.99 2.56
H44 D33 B 10 3.42 1.03 3.71
H22' D33 B 10 4.94 -4.19 6.22
H12' D33 B 10 4.59 -2.51 6.71
H3' D33 B 10 3.35 -3.34 8.48
AG AG C . 4.33 -0.22 0.77
AG AG D . -0.05 -0.43 0.06
AG AG E . -4.19 1.02 -0.88
C4 D33 A 8 5.07 2.71 -2.24
C5 D33 A 8 5.42 2.71 -3.57
C2 D33 A 8 4.84 0.70 -2.92
N1 D33 A 8 5.26 1.41 -4.01
P D33 A 8 9.04 4.37 -7.45
OP1 D33 A 8 9.55 4.20 -8.82
OP2 D33 A 8 8.54 5.68 -7.00
O5' D33 A 8 7.88 3.30 -7.21
C5' D33 A 8 8.07 1.92 -7.56
C4' D33 A 8 6.89 1.06 -7.14
O4' D33 A 8 6.81 1.03 -5.71
C1' D33 A 8 5.44 0.90 -5.38
N3 D33 A 8 4.71 1.45 -1.84
C2' D33 A 8 4.64 1.65 -6.43
C3' D33 A 8 5.53 1.53 -7.67
O3' D33 A 8 5.03 0.54 -8.56
H15' D33 A 8 8.98 1.55 -7.08
H25' D33 A 8 8.18 1.85 -8.63
H4' D33 A 8 7.07 0.04 -7.49
H1' D33 A 8 5.17 -0.16 -5.39
H55 D33 A 8 5.75 3.56 -4.17
H22 D33 A 8 4.65 -0.37 -2.98
H44 D33 A 8 5.03 3.57 -1.55
H22' D33 A 8 3.68 1.17 -6.61
H12' D33 A 8 4.52 2.69 -6.14
H3' D33 A 8 5.63 2.50 -8.16
C4 D33 A 9 0.78 1.59 -3.17
C5 D33 A 9 0.79 1.01 -4.42
C2 D33 A 9 0.41 -0.50 -2.86
N1 D33 A 9 0.55 -0.32 -4.21
P D33 A 9 3.59 0.71 -9.28
OP1 D33 A 9 3.64 -0.02 -10.58
OP2 D33 A 9 3.22 2.14 -9.25
O5' D33 A 9 2.58 -0.08 -8.31
C5' D33 A 9 2.75 -1.48 -8.04
C4' D33 A 9 1.64 -2.01 -7.13
O4' D33 A 9 1.79 -1.49 -5.81
C1' D33 A 9 0.49 -1.37 -5.26
N3 D33 A 9 0.55 0.63 -2.21
C2' D33 A 9 -0.45 -1.05 -6.40
C3' D33 A 9 0.25 -1.62 -7.62
O3' D33 A 9 -0.46 -2.77 -8.07
H15' D33 A 9 3.71 -1.63 -7.53
H25' D33 A 9 2.75 -2.04 -8.97
H4' D33 A 9 1.70 -3.09 -7.09
H1' D33 A 9 0.20 -2.33 -4.80
H55 D33 A 9 0.90 1.51 -5.38
H22 D33 A 9 0.18 -1.47 -2.43
H44 D33 A 9 0.97 2.63 -2.90
H22' D33 A 9 -1.41 -1.53 -6.25
H12' D33 A 9 -0.59 0.03 -6.49
H3' D33 A 9 0.31 -0.87 -8.42
C4 D33 A 10 -3.61 1.07 -3.52
C5 D33 A 10 -3.79 -0.07 -4.28
C2 D33 A 10 -3.88 -0.56 -2.14
N1 D33 A 10 -3.95 -1.11 -3.39
P D33 A 10 -1.97 -2.63 -8.60
OP1 D33 A 10 -2.24 -3.69 -9.60
OP2 D33 A 10 -2.20 -1.20 -8.95
O5' D33 A 10 -2.81 -2.95 -7.27
C5' D33 A 10 -2.47 -4.08 -6.46
C4' D33 A 10 -3.32 -4.10 -5.19
O4' D33 A 10 -2.97 -2.99 -4.39
C1' D33 A 10 -4.14 -2.55 -3.70
N3 D33 A 10 -3.67 0.75 -2.19
C2' D33 A 10 -5.34 -2.87 -4.60
C3' D33 A 10 -4.82 -4.03 -5.47
O3' D33 A 10 -5.41 -5.28 -5.05
H15' D33 A 10 -1.42 -4.02 -6.18
H25' D33 A 10 -2.65 -4.98 -7.03
H4' D33 A 10 -3.11 -5.01 -4.64
H1' D33 A 10 -4.23 -3.10 -2.77
H55 D33 A 10 -3.87 -0.12 -5.36
H22 D33 A 10 -3.97 -1.16 -1.24
H44 D33 A 10 -3.42 2.08 -3.87
H22' D33 A 10 -6.19 -3.16 -4.01
H12' D33 A 10 -5.58 -2.00 -5.22
H3' D33 A 10 -5.02 -3.84 -6.52
C4 D33 B 8 -3.77 4.74 1.17
C5 D33 B 8 -4.04 5.21 2.44
C2 D33 B 8 -4.20 3.02 2.38
N1 D33 B 8 -4.31 4.10 3.21
P D33 B 8 -6.71 8.96 5.53
OP1 D33 B 8 -7.19 9.36 6.87
OP2 D33 B 8 -5.83 9.86 4.77
O5' D33 B 8 -5.98 7.54 5.67
C5' D33 B 8 -6.60 6.46 6.36
C4' D33 B 8 -5.81 5.17 6.24
O4' D33 B 8 -5.80 4.73 4.90
C1' D33 B 8 -4.58 4.06 4.66
N3 D33 B 8 -3.88 3.37 1.15
C2' D33 B 8 -3.54 4.76 5.52
C3' D33 B 8 -4.35 5.29 6.69
O3' D33 B 8 -4.16 4.48 7.85
H15' D33 B 8 -7.60 6.30 5.95
H25' D33 B 8 -6.69 6.72 7.42
H4' D33 B 8 -6.29 4.40 6.85
H1' D33 B 8 -4.67 3.02 4.98
H55 D33 B 8 -4.05 6.25 2.76
H22 D33 B 8 -4.37 2.00 2.74
H44 D33 B 8 -3.48 5.31 0.29
H22' D33 B 8 -2.78 4.05 5.85
H12' D33 B 8 -3.08 5.58 4.95
H3' D33 B 8 -4.09 6.33 6.89
C4 D33 B 9 -0.06 2.55 2.59
C5 D33 B 9 -0.22 2.36 3.94
C2 D33 B 9 -0.39 0.45 2.89
N1 D33 B 9 -0.44 1.02 4.12
P D33 B 9 -2.71 4.35 8.56
OP1 D33 B 9 -2.92 4.07 9.99
OP2 D33 B 9 -1.90 5.51 8.14
O5' D33 B 9 -2.07 3.02 7.88
C5' D33 B 9 -2.71 1.75 8.00
C4' D33 B 9 -1.88 0.67 7.35
O4' D33 B 9 -1.91 0.82 5.93
C1' D33 B 9 -0.68 0.35 5.41
N3 D33 B 9 -0.16 1.34 1.93
C2' D33 B 9 0.38 0.63 6.46
C3' D33 B 9 -0.41 0.68 7.76
O3' D33 B 9 -0.10 -0.48 8.53
H15' D33 B 9 -3.69 1.79 7.52
H25' D33 B 9 -2.83 1.51 9.06
H4' D33 B 9 -2.30 -0.31 7.59
H1' D33 B 9 -0.75 -0.73 5.24
H55 D33 B 9 -0.14 3.12 4.72
H22 D33 B 9 -0.52 -0.63 2.75
H44 D33 B 9 0.09 3.48 2.04
H22' D33 B 9 1.12 -0.17 6.49
H12' D33 B 9 0.86 1.60 6.27
H3' D33 B 9 -0.18 1.59 8.32
C4 D33 B 10 3.92 0.71 3.25
C5 D33 B 10 3.76 -0.16 4.31
C2 D33 B 10 3.56 -1.22 2.39
N1 D33 B 10 3.52 -1.41 3.74
P D33 B 10 1.40 -0.70 9.06
OP1 D33 B 10 1.35 -1.47 10.32
OP2 D33 B 10 2.09 0.61 9.01
O5' D33 B 10 2.01 -1.64 7.91
C5' D33 B 10 1.29 -2.76 7.43
C4' D33 B 10 2.02 -3.40 6.26
O4' D33 B 10 2.02 -2.52 5.15
C1' D33 B 10 3.23 -2.69 4.44
N3 D33 B 10 3.80 0.04 2.06
C2' D33 B 10 4.30 -3.12 5.45
C3' D33 B 10 3.47 -3.76 6.57
O3' D33 B 10 3.59 -5.20 6.55
H15' D33 B 10 0.30 -2.44 7.10
H25' D33 B 10 1.17 -3.48 8.23
H4' D33 B 10 1.49 -4.32 5.97
H1' D33 B 10 3.11 -3.47 3.70
H55 D33 B 10 3.87 0.06 5.36
H22 D33 B 10 3.42 -2.04 1.69
H44 D33 B 10 4.09 1.79 3.30
H22' D33 B 10 4.97 -3.85 5.00
H12' D33 B 10 4.85 -2.25 5.83
H3' D33 B 10 3.77 -3.37 7.55
AG AG C . 4.25 0.77 0.13
AG AG D . 0.20 0.98 -0.13
AG AG E . -3.77 2.08 -0.53
C4 D33 A 8 4.97 2.61 -2.54
C5 D33 A 8 5.26 2.64 -3.88
C2 D33 A 8 4.45 0.69 -3.32
N1 D33 A 8 4.92 1.40 -4.37
P D33 A 8 9.02 4.20 -7.66
OP1 D33 A 8 9.64 3.90 -8.97
OP2 D33 A 8 8.62 5.60 -7.34
O5' D33 A 8 7.71 3.26 -7.51
C5' D33 A 8 7.77 1.88 -7.88
C4' D33 A 8 6.51 1.10 -7.51
O4' D33 A 8 6.41 1.01 -6.09
C1' D33 A 8 5.05 0.93 -5.74
N3 D33 A 8 4.46 1.38 -2.20
C2' D33 A 8 4.28 1.74 -6.77
C3' D33 A 8 5.17 1.69 -7.99
O3' D33 A 8 4.60 0.79 -8.97
H15' D33 A 8 8.62 1.42 -7.39
H25' D33 A 8 7.90 1.82 -8.96
H4' D33 A 8 6.60 0.09 -7.90
H1' D33 A 8 4.73 -0.11 -5.80
H55 D33 A 8 5.67 3.48 -4.44
H22 D33 A 8 4.11 -0.34 -3.43
H44 D33 A 8 5.10 3.40 -1.80
H22' D33 A 8 3.31 1.29 -6.97
H12' D33 A 8 4.15 2.77 -6.42
H3' D33 A 8 5.32 2.69 -8.42
C4 D33 A 9 0.80 1.62 -3.18
C5 D33 A 9 0.75 1.05 -4.42
C2 D33 A 9 0.54 -0.48 -2.86
N1 D33 A 9 0.60 -0.30 -4.21
P D33 A 9 3.12 1.03 -9.57
OP1 D33 A 9 3.05 0.36 -10.89
OP2 D33 A 9 2.80 2.47 -9.46
O5' D33 A 9 2.17 0.22 -8.54
C5' D33 A 9 2.36 -1.20 -8.34
C4' D33 A 9 1.38 -1.79 -7.32
O4' D33 A 9 1.69 -1.30 -6.02
C1' D33 A 9 0.50 -1.33 -5.25
N3 D33 A 9 0.66 0.67 -2.21
C2' D33 A 9 -0.67 -1.13 -6.20
C3' D33 A 9 -0.10 -1.50 -7.57
O3' D33 A 9 -0.73 -2.70 -8.05
H15' D33 A 9 3.37 -1.36 -7.99
H25' D33 A 9 2.21 -1.70 -9.28
H4' D33 A 9 1.52 -2.87 -7.31
H1' D33 A 9 0.41 -2.31 -4.76
H55 D33 A 9 0.79 1.55 -5.39
H22 D33 A 9 0.44 -1.46 -2.42
H44 D33 A 9 0.93 2.68 -2.92
H22' D33 A 9 -1.48 -1.80 -5.93
H12' D33 A 9 -1.00 -0.09 -6.18
H3' D33 A 9 -0.23 -0.67 -8.28
C4 D33 A 10 -3.65 0.95 -3.09
C5 D33 A 10 -3.79 -0.19 -3.84
C2 D33 A 10 -3.84 -0.67 -1.70
N1 D33 A 10 -3.90 -1.23 -2.94
P D33 A 10 -2.30 -2.74 -8.40
OP1 D33 A 10 -2.56 -3.93 -9.23
OP2 D33 A 10 -2.71 -1.39 -8.88
O5' D33 A 10 -2.98 -2.98 -6.96
C5' D33 A 10 -2.59 -4.10 -6.18
C4' D33 A 10 -3.33 -4.17 -4.84
O4' D33 A 10 -2.94 -3.05 -4.05
C1' D33 A 10 -4.03 -2.67 -3.24
N3 D33 A 10 -3.69 0.63 -1.75
C2' D33 A 10 -5.30 -3.04 -3.98
C3' D33 A 10 -4.86 -4.12 -4.96
O3' D33 A 10 -5.39 -5.40 -4.53
H15' D33 A 10 -1.51 -4.04 -5.99
H25' D33 A 10 -2.79 -5.01 -6.74
H4' D33 A 10 -3.03 -5.08 -4.32
H1' D33 A 10 -3.99 -3.23 -2.31
H55 D33 A 10 -3.84 -0.26 -4.93
H22 D33 A 10 -3.92 -1.27 -0.79
H44 D33 A 10 -3.51 1.98 -3.44
H22' D33 A 10 -6.03 -3.43 -3.29
H12' D33 A 10 -5.69 -2.18 -4.53
H3' D33 A 10 -5.17 -3.89 -5.98
C4 D33 B 8 -3.70 4.71 1.47
C5 D33 B 8 -3.89 5.20 2.74
C2 D33 B 8 -3.82 3.01 2.78
N1 D33 B 8 -3.97 4.11 3.58
P D33 B 8 -6.75 8.88 5.76
OP1 D33 B 8 -7.37 9.18 7.08
OP2 D33 B 8 -5.94 9.92 5.09
O5' D33 B 8 -5.84 7.56 5.93
C5' D33 B 8 -6.34 6.43 6.68
C4' D33 B 8 -5.42 5.22 6.58
O4' D33 B 8 -5.44 4.72 5.26
C1' D33 B 8 -4.19 4.10 5.02
N3 D33 B 8 -3.65 3.33 1.52
C2' D33 B 8 -3.14 4.85 5.82
C3' D33 B 8 -3.95 5.43 6.97
O3' D33 B 8 -3.66 4.70 8.16
H15' D33 B 8 -7.32 6.17 6.30
H25' D33 B 8 -6.42 6.72 7.72
H4' D33 B 8 -5.83 4.44 7.23
H1' D33 B 8 -4.23 3.07 5.37
H55 D33 B 8 -3.98 6.26 3.03
H22 D33 B 8 -3.82 2.00 3.20
H44 D33 B 8 -3.60 5.26 0.54
H22' D33 B 8 -2.38 4.18 6.18
H12' D33 B 8 -2.71 5.65 5.21
H3' D33 B 8 -3.73 6.50 7.09
C4 D33 B 9 -0.05 2.61 2.56
C5 D33 B 9 -0.17 2.42 3.92
C2 D33 B 9 -0.52 0.53 2.85
N1 D33 B 9 -0.48 1.10 4.10
P D33 B 9 -2.16 4.59 8.75
OP1 D33 B 9 -2.25 4.32 10.20
OP2 D33 B 9 -1.39 5.75 8.26
O5' D33 B 9 -1.58 3.26 8.02
C5' D33 B 9 -2.23 2.00 8.21
C4' D33 B 9 -1.56 0.85 7.45
O4' D33 B 9 -1.75 1.05 6.05
C1' D33 B 9 -0.68 0.41 5.37
N3 D33 B 9 -0.25 1.41 1.90
C2' D33 B 9 0.53 0.46 6.29
C3' D33 B 9 -0.06 0.71 7.69
O3' D33 B 9 0.16 -0.46 8.50
H15' D33 B 9 -3.26 2.08 7.90
H25' D33 B 9 -2.21 1.75 9.26
H4' D33 B 9 -2.06 -0.08 7.72
H1' D33 B 9 -0.94 -0.63 5.18
H55 D33 B 9 -0.01 3.15 4.70
H22 D33 B 9 -0.76 -0.52 2.71
H44 D33 B 9 0.15 3.53 2.02
H22' D33 B 9 1.08 -0.47 6.26
H12' D33 B 9 1.19 1.29 6.01
H3' D33 B 9 0.35 1.59 8.15
C4 D33 B 10 3.89 0.50 2.89
C5 D33 B 10 3.68 -0.37 3.93
C2 D33 B 10 3.47 -1.40 2.00
N1 D33 B 10 3.39 -1.59 3.35
P D33 B 10 1.65 -0.92 8.93
OP1 D33 B 10 1.53 -1.85 10.07
OP2 D33 B 10 2.50 0.29 9.04
O5' D33 B 10 2.14 -1.75 7.64
C5' D33 B 10 1.36 -2.86 7.18
C4' D33 B 10 1.98 -3.53 5.95
O4' D33 B 10 1.94 -2.60 4.87
C1' D33 B 10 3.06 -2.85 4.04
N3 D33 B 10 3.77 -0.16 1.70
C2' D33 B 10 4.17 -3.39 4.92
C3' D33 B 10 3.44 -3.97 6.13
O3' D33 B 10 3.50 -5.40 6.10
H15' D33 B 10 0.36 -2.50 6.93
H25' D33 B 10 1.28 -3.59 7.98
H4' D33 B 10 1.38 -4.40 5.69
H1' D33 B 10 2.80 -3.60 3.30
H55 D33 B 10 3.76 -0.14 4.99
H22 D33 B 10 3.31 -2.22 1.30
H44 D33 B 10 4.12 1.56 2.94
H22' D33 B 10 4.71 -4.17 4.39
H12' D33 B 10 4.84 -2.59 5.22
H3' D33 B 10 3.85 -3.58 7.06
AG AG C . 4.11 0.63 -0.24
AG AG D . 0.20 1.03 -0.15
AG AG E . -3.67 2.00 -0.13
C4 D33 A 8 5.03 2.25 -2.30
C5 D33 A 8 5.34 2.27 -3.64
C2 D33 A 8 4.63 0.29 -3.04
N1 D33 A 8 5.07 0.99 -4.11
P D33 A 8 8.71 4.13 -7.50
OP1 D33 A 8 9.25 3.96 -8.87
OP2 D33 A 8 8.21 5.46 -7.07
O5' D33 A 8 7.54 3.06 -7.29
C5' D33 A 8 7.76 1.69 -7.67
C4' D33 A 8 6.61 0.79 -7.27
O4' D33 A 8 6.58 0.68 -5.86
C1' D33 A 8 5.22 0.50 -5.47
N3 D33 A 8 4.58 0.99 -1.94
C2' D33 A 8 4.36 1.22 -6.49
C3' D33 A 8 5.23 1.26 -7.73
O3' D33 A 8 4.74 0.35 -8.71
H15' D33 A 8 8.68 1.34 -7.20
H25' D33 A 8 7.88 1.65 -8.75
H4' D33 A 8 6.78 -0.20 -7.68
H1' D33 A 8 4.99 -0.57 -5.48
H55 D33 A 8 5.72 3.11 -4.22
H22 D33 A 8 4.35 -0.76 -3.13
H44 D33 A 8 5.09 3.06 -1.58
H22' D33 A 8 3.44 0.66 -6.68
H12' D33 A 8 4.12 2.23 -6.15
H3' D33 A 8 5.29 2.28 -8.14
C4 D33 A 9 0.74 1.15 -3.11
C5 D33 A 9 0.70 0.59 -4.37
C2 D33 A 9 0.33 -0.92 -2.83
N1 D33 A 9 0.44 -0.74 -4.17
P D33 A 9 3.28 0.55 -9.36
OP1 D33 A 9 3.25 -0.16 -10.66
OP2 D33 A 9 2.92 1.99 -9.30
O5' D33 A 9 2.31 -0.26 -8.35
C5' D33 A 9 2.54 -1.65 -8.10
C4' D33 A 9 1.48 -2.26 -7.18
O4' D33 A 9 1.66 -1.78 -5.86
C1' D33 A 9 0.39 -1.77 -5.22
N3 D33 A 9 0.51 0.19 -2.16
C2' D33 A 9 -0.66 -1.52 -6.31
C3' D33 A 9 0.04 -1.96 -7.60
O3' D33 A 9 -0.54 -3.18 -8.10
H15' D33 A 9 3.52 -1.77 -7.63
H25' D33 A 9 2.53 -2.18 -9.04
H4' D33 A 9 1.63 -3.34 -7.17
H1' D33 A 9 0.21 -2.75 -4.76
H55 D33 A 9 0.81 1.11 -5.31
H22 D33 A 9 0.12 -1.90 -2.40
H44 D33 A 9 0.97 2.18 -2.83
H22' D33 A 9 -1.54 -2.13 -6.12
H12' D33 A 9 -0.92 -0.46 -6.35
H3' D33 A 9 0.01 -1.17 -8.35
C4 D33 A 10 -3.68 0.66 -3.27
C5 D33 A 10 -3.90 -0.45 -4.06
C2 D33 A 10 -3.90 -0.99 -1.93
N1 D33 A 10 -4.03 -1.51 -3.19
P D33 A 10 -2.06 -3.26 -8.62
OP1 D33 A 10 -2.22 -4.53 -9.36
OP2 D33 A 10 -2.40 -1.97 -9.27
O5' D33 A 10 -2.90 -3.37 -7.25
C5' D33 A 10 -2.62 -4.47 -6.37
C4' D33 A 10 -3.49 -4.45 -5.11
O4' D33 A 10 -3.11 -3.35 -4.29
C1' D33 A 10 -4.26 -2.93 -3.56
N3 D33 A 10 -3.69 0.30 -1.94
C2' D33 A 10 -5.46 -3.18 -4.46
C3' D33 A 10 -4.99 -4.34 -5.35
O3' D33 A 10 -5.60 -5.58 -4.94
H15' D33 A 10 -1.57 -4.42 -6.07
H25' D33 A 10 -2.79 -5.38 -6.90
H4' D33 A 10 -3.30 -5.37 -4.55
H1' D33 A 10 -4.35 -3.52 -2.64
H55 D33 A 10 -4.02 -0.45 -5.13
H22 D33 A 10 -3.97 -1.62 -1.04
H44 D33 A 10 -3.47 1.68 -3.59
H22' D33 A 10 -6.33 -3.48 -3.87
H12' D33 A 10 -5.68 -2.30 -5.07
H3' D33 A 10 -5.20 -4.13 -6.40
C4 D33 B 8 -3.89 4.33 1.36
C5 D33 B 8 -4.12 4.82 2.62
C2 D33 B 8 -4.11 2.63 2.62
N1 D33 B 8 -4.25 3.71 3.42
P D33 B 8 -6.47 8.66 5.67
OP1 D33 B 8 -6.95 9.06 7.00
OP2 D33 B 8 -5.59 9.57 4.90
O5' D33 B 8 -5.74 7.25 5.81
C5' D33 B 8 -6.38 6.20 6.54
C4' D33 B 8 -5.62 4.89 6.46
O4' D33 B 8 -5.69 4.40 5.13
C1' D33 B 8 -4.49 3.68 4.87
N3 D33 B 8 -3.90 2.95 1.38
C2' D33 B 8 -3.39 4.34 5.69
C3' D33 B 8 -4.14 4.99 6.85
O3' D33 B 8 -3.94 4.26 8.05
H15' D33 B 8 -7.39 6.06 6.14
H25' D33 B 8 -6.46 6.49 7.58
H4' D33 B 8 -6.11 4.17 7.12
H1' D33 B 8 -4.62 2.65 5.19
H55 D33 B 8 -4.19 5.86 2.92
H22 D33 B 8 -4.18 1.62 3.02
H44 D33 B 8 -3.72 4.90 0.44
H22' D33 B 8 -2.70 3.59 6.07
H12' D33 B 8 -2.86 5.08 5.10
H3' D33 B 8 -3.85 6.04 6.96
C4 D33 B 9 -0.16 2.13 2.62
C5 D33 B 9 -0.28 1.95 3.99
C2 D33 B 9 -0.45 0.03 2.95
N1 D33 B 9 -0.47 0.62 4.18
P D33 B 9 -2.46 4.13 8.68
OP1 D33 B 9 -2.61 3.83 10.13
OP2 D33 B 9 -1.65 5.28 8.25
O5' D33 B 9 -1.87 2.80 7.97
C5' D33 B 9 -2.56 1.55 8.11
C4' D33 B 9 -1.81 0.40 7.44
O4' D33 B 9 -1.88 0.53 6.03
C1' D33 B 9 -0.70 -0.06 5.47
N3 D33 B 9 -0.26 0.92 1.99
C2' D33 B 9 0.41 0.13 6.50
C3' D33 B 9 -0.33 0.30 7.84
O3' D33 B 9 -0.17 -0.85 8.67
H15' D33 B 9 -3.55 1.64 7.64
H25' D33 B 9 -2.69 1.33 9.16
H4' D33 B 9 -2.30 -0.54 7.72
H1' D33 B 9 -0.86 -1.12 5.31
H55 D33 B 9 -0.18 2.71 4.76
H22 D33 B 9 -0.59 -1.04 2.82
H44 D33 B 9 -0.06 3.07 2.07
H22' D33 B 9 1.05 -0.74 6.53
H12' D33 B 9 1.00 1.03 6.27
H3' D33 B 9 -0.01 1.22 8.34
C4 D33 B 10 3.84 0.27 3.14
C5 D33 B 10 3.74 -0.58 4.21
C2 D33 B 10 3.44 -1.67 2.31
N1 D33 B 10 3.47 -1.83 3.68
P D33 B 10 1.27 -1.28 9.27
OP1 D33 B 10 1.04 -2.28 10.34
OP2 D33 B 10 2.04 -0.05 9.55
O5' D33 B 10 1.95 -2.03 8.02
C5' D33 B 10 1.29 -3.16 7.46
C4' D33 B 10 2.05 -3.78 6.29
O4' D33 B 10 2.02 -2.89 5.17
C1' D33 B 10 3.22 -3.07 4.43
N3 D33 B 10 3.67 -0.41 1.96
C2' D33 B 10 4.31 -3.46 5.42
C3' D33 B 10 3.53 -4.12 6.57
O3' D33 B 10 3.67 -5.54 6.55
H15' D33 B 10 0.30 -2.87 7.12
H25' D33 B 10 1.18 -3.90 8.23
H4' D33 B 10 1.56 -4.70 6.00
H1' D33 B 10 3.07 -3.89 3.72
H55 D33 B 10 3.89 -0.34 5.25
H22 D33 B 10 3.26 -2.50 1.64
H44 D33 B 10 4.00 1.35 3.16
H22' D33 B 10 5.00 -4.17 4.98
H12' D33 B 10 4.84 -2.58 5.78
H3' D33 B 10 3.84 -3.70 7.54
AG AG C . 4.12 0.30 0.01
AG AG D . 0.12 0.54 -0.08
AG AG E . -3.78 1.64 -0.29
C4 D33 A 8 5.19 2.52 -2.46
C5 D33 A 8 5.58 2.46 -3.79
C2 D33 A 8 4.80 0.51 -3.11
N1 D33 A 8 5.33 1.15 -4.19
P D33 A 8 9.54 3.46 -7.86
OP1 D33 A 8 10.06 3.04 -9.18
OP2 D33 A 8 9.21 4.88 -7.62
O5' D33 A 8 8.22 2.59 -7.54
C5' D33 A 8 8.25 1.18 -7.75
C4' D33 A 8 6.96 0.50 -7.28
O4' D33 A 8 6.88 0.60 -5.86
C1' D33 A 8 5.50 0.57 -5.52
N3 D33 A 8 4.72 1.29 -2.05
C2' D33 A 8 4.77 1.32 -6.62
C3' D33 A 8 5.67 1.10 -7.84
O3' D33 A 8 5.03 0.16 -8.72
H15' D33 A 8 9.10 0.76 -7.21
H25' D33 A 8 8.37 0.98 -8.82
H4' D33 A 8 7.00 -0.56 -7.54
H1' D33 A 8 5.16 -0.46 -5.50
H55 D33 A 8 6.01 3.26 -4.39
H22 D33 A 8 4.52 -0.54 -3.15
H44 D33 A 8 5.21 3.38 -1.80
H22' D33 A 8 3.78 0.91 -6.77
H12' D33 A 8 4.70 2.39 -6.38
H3' D33 A 8 5.86 2.05 -8.35
C4 D33 A 9 0.82 1.66 -3.21
C5 D33 A 9 0.77 1.08 -4.46
C2 D33 A 9 0.39 -0.42 -2.89
N1 D33 A 9 0.51 -0.26 -4.24
P D33 A 9 3.63 0.50 -9.41
OP1 D33 A 9 3.56 -0.23 -10.71
OP2 D33 A 9 3.45 1.98 -9.39
O5' D33 A 9 2.54 -0.14 -8.42
C5' D33 A 9 2.55 -1.55 -8.15
C4' D33 A 9 1.42 -1.98 -7.22
O4' D33 A 9 1.65 -1.45 -5.92
C1' D33 A 9 0.38 -1.31 -5.27
N3 D33 A 9 0.57 0.72 -2.24
C2' D33 A 9 -0.64 -0.99 -6.35
C3' D33 A 9 0.04 -1.49 -7.64
O3' D33 A 9 -0.70 -2.61 -8.16
H15' D33 A 9 3.51 -1.82 -7.70
H25' D33 A 9 2.43 -2.09 -9.08
H4' D33 A 9 1.41 -3.06 -7.14
H1' D33 A 9 0.12 -2.25 -4.78
H55 D33 A 9 0.88 1.56 -5.42
H22 D33 A 9 0.17 -1.38 -2.44
H44 D33 A 9 1.03 2.70 -2.95
H22' D33 A 9 -1.56 -1.52 -6.16
H12' D33 A 9 -0.81 0.09 -6.41
H3' D33 A 9 0.10 -0.69 -8.38
C4 D33 A 10 -3.67 1.12 -3.32
C5 D33 A 10 -3.90 0.03 -4.12
C2 D33 A 10 -4.00 -0.54 -2.01
N1 D33 A 10 -4.10 -1.04 -3.28
P D33 A 10 -2.21 -2.45 -8.68
OP1 D33 A 10 -2.51 -3.60 -9.58
OP2 D33 A 10 -2.40 -1.08 -9.16
O5' D33 A 10 -3.04 -2.65 -7.33
C5' D33 A 10 -2.85 -3.83 -6.57
C4' D33 A 10 -3.73 -3.87 -5.34
O4' D33 A 10 -3.28 -2.90 -4.41
C1' D33 A 10 -4.39 -2.43 -3.66
N3 D33 A 10 -3.74 0.76 -2.00
C2' D33 A 10 -5.64 -2.62 -4.51
C3' D33 A 10 -5.21 -3.59 -5.62
O3' D33 A 10 -5.91 -4.83 -5.49
H15' D33 A 10 -1.80 -3.89 -6.27
H25' D33 A 10 -3.08 -4.68 -7.20
H4' D33 A 10 -3.65 -4.85 -4.88
H1' D33 A 10 -4.47 -3.04 -2.75
H55 D33 A 10 -3.96 0.02 -5.20
H22 D33 A 10 -4.10 -1.18 -1.13
H44 D33 A 10 -3.43 2.14 -3.63
H22' D33 A 10 -6.44 -3.05 -3.91
H12' D33 A 10 -5.95 -1.67 -4.93
H3' D33 A 10 -5.35 -3.15 -6.60
C4 D33 B 8 -3.95 4.69 1.42
C5 D33 B 8 -4.28 5.12 2.70
C2 D33 B 8 -4.23 2.93 2.60
N1 D33 B 8 -4.45 3.97 3.45
P D33 B 8 -7.48 8.45 6.13
OP1 D33 B 8 -8.06 8.61 7.49
OP2 D33 B 8 -6.71 9.56 5.52
O5' D33 B 8 -6.55 7.14 6.13
C5' D33 B 8 -7.03 5.92 6.72
C4' D33 B 8 -6.07 4.76 6.51
O4' D33 B 8 -6.02 4.45 5.12
C1' D33 B 8 -4.75 3.87 4.87
N3 D33 B 8 -3.93 3.31 1.39
C2' D33 B 8 -3.76 4.60 5.77
C3' D33 B 8 -4.62 5.03 6.95
O3' D33 B 8 -4.31 4.22 8.08
H15' D33 B 8 -7.99 5.67 6.28
H25' D33 B 8 -7.17 6.07 7.79
H4' D33 B 8 -6.45 3.89 7.04
H1' D33 B 8 -4.79 2.83 5.15
H55 D33 B 8 -4.40 6.15 3.03
H22 D33 B 8 -4.30 1.89 2.95
H44 D33 B 8 -3.71 5.30 0.56
H22' D33 B 8 -2.97 3.93 6.09
H12' D33 B 8 -3.35 5.47 5.25
H3' D33 B 8 -4.47 6.09 7.18
C4 D33 B 9 -0.05 2.65 2.58
C5 D33 B 9 -0.17 2.45 3.94
C2 D33 B 9 -0.35 0.54 2.86
N1 D33 B 9 -0.39 1.10 4.11
P D33 B 9 -2.82 4.25 8.72
OP1 D33 B 9 -2.96 3.92 10.16
OP2 D33 B 9 -2.17 5.50 8.31
O5' D33 B 9 -2.07 3.02 8.00
C5' D33 B 9 -2.55 1.69 8.12
C4' D33 B 9 -1.67 0.68 7.40
O4' D33 B 9 -1.77 0.87 5.99
C1' D33 B 9 -0.57 0.40 5.39
N3 D33 B 9 -0.16 1.45 1.91
C2' D33 B 9 0.55 0.64 6.40
C3' D33 B 9 -0.18 0.77 7.75
O3' D33 B 9 0.16 -0.35 8.57
H15' D33 B 9 -3.56 1.63 7.72
H25' D33 B 9 -2.58 1.42 9.18
H4' D33 B 9 -2.02 -0.33 7.63
H1' D33 B 9 -0.66 -0.68 5.20
H55 D33 B 9 -0.07 3.19 4.74
H22 D33 B 9 -0.48 -0.53 2.72
H44 D33 B 9 0.07 3.60 2.06
H22' D33 B 9 1.25 -0.18 6.41
H12' D33 B 9 1.07 1.58 6.17
H3' D33 B 9 0.04 1.71 8.24
C4 D33 B 10 3.98 0.70 3.07
C5 D33 B 10 3.87 -0.14 4.15
C2 D33 B 10 3.67 -1.26 2.27
N1 D33 B 10 3.67 -1.41 3.63
P D33 B 10 1.66 -0.56 9.12
OP1 D33 B 10 1.60 -1.44 10.31
OP2 D33 B 10 2.32 0.77 9.20
O5' D33 B 10 2.32 -1.38 7.93
C5' D33 B 10 1.72 -2.60 7.51
C4' D33 B 10 2.47 -3.27 6.37
O4' D33 B 10 2.33 -2.49 5.19
C1' D33 B 10 3.48 -2.65 4.39
N3 D33 B 10 3.86 0.00 1.90
C2' D33 B 10 4.65 -2.98 5.32
C3' D33 B 10 3.97 -3.43 6.63
O3' D33 B 10 4.23 -4.81 6.89
H15' D33 B 10 0.70 -2.38 7.17
H25' D33 B 10 1.66 -3.28 8.35
H4' D33 B 10 2.04 -4.25 6.20
H1' D33 B 10 3.33 -3.47 3.69
H55 D33 B 10 3.98 0.12 5.20
H22 D33 B 10 3.53 -2.11 1.60
H44 D33 B 10 4.10 1.80 3.07
H22' D33 B 10 5.24 -3.80 4.91
H12' D33 B 10 5.26 -2.10 5.49
H3' D33 B 10 4.29 -2.79 7.47
AG AG C . 4.28 0.68 -0.06
AG AG D . 0.20 1.09 -0.16
AG AG E . -3.83 2.06 -0.33
C4 D33 A 8 4.56 1.18 -2.20
C5 D33 A 8 4.83 1.25 -3.54
C2 D33 A 8 4.26 -0.80 -2.97
N1 D33 A 8 4.63 -0.03 -4.04
P D33 A 8 8.10 3.28 -7.55
OP1 D33 A 8 8.66 3.10 -8.91
OP2 D33 A 8 7.50 4.59 -7.17
O5' D33 A 8 7.01 2.14 -7.29
C5' D33 A 8 7.31 0.78 -7.64
C4' D33 A 8 6.21 -0.18 -7.21
O4' D33 A 8 6.15 -0.26 -5.80
C1' D33 A 8 4.80 -0.49 -5.42
N3 D33 A 8 4.21 -0.11 -1.85
C2' D33 A 8 3.94 0.22 -6.44
C3' D33 A 8 4.79 0.19 -7.70
O3' D33 A 8 4.32 -0.83 -8.59
H15' D33 A 8 8.23 0.49 -7.14
H25' D33 A 8 7.44 0.70 -8.71
H4' D33 A 8 6.45 -1.18 -7.59
H1' D33 A 8 4.61 -1.56 -5.47
H55 D33 A 8 5.14 2.13 -4.12
H22 D33 A 8 4.06 -1.86 -3.08
H44 D33 A 8 4.60 1.99 -1.47
H22' D33 A 8 3.01 -0.32 -6.60
H12' D33 A 8 3.74 1.25 -6.14
H3' D33 A 8 4.80 1.16 -8.18
C4 D33 A 9 0.42 0.21 -3.02
C5 D33 A 9 0.35 -0.40 -4.25
C2 D33 A 9 0.20 -1.88 -2.65
N1 D33 A 9 0.21 -1.74 -4.00
P D33 A 9 2.84 -0.72 -9.26
OP1 D33 A 9 2.86 -1.46 -10.53
OP2 D33 A 9 2.44 0.71 -9.23
O5' D33 A 9 1.90 -1.51 -8.22
C5' D33 A 9 2.08 -2.91 -7.98
C4' D33 A 9 1.06 -3.45 -6.98
O4' D33 A 9 1.33 -2.92 -5.69
C1' D33 A 9 0.08 -2.80 -4.99
N3 D33 A 9 0.31 -0.73 -2.02
C2' D33 A 9 -0.98 -2.53 -6.03
C3' D33 A 9 -0.40 -3.10 -7.32
O3' D33 A 9 -1.10 -4.30 -7.65
H15' D33 A 9 3.08 -3.09 -7.60
H25' D33 A 9 1.96 -3.46 -8.93
H4' D33 A 9 1.16 -4.54 -6.93
H1' D33 A 9 -0.14 -3.75 -4.49
H55 D33 A 9 0.36 0.09 -5.23
H22 D33 A 9 0.11 -2.85 -2.16
H44 D33 A 9 0.52 1.28 -2.79
H22' D33 A 9 -1.90 -3.03 -5.78
H12' D33 A 9 -1.15 -1.46 -6.14
H3' D33 A 9 -0.44 -2.38 -8.13
C4 D33 A 10 -4.03 -0.62 -2.99
C5 D33 A 10 -4.28 -1.77 -3.73
C2 D33 A 10 -4.16 -2.23 -1.58
N1 D33 A 10 -4.36 -2.79 -2.80
P D33 A 10 -2.68 -4.27 -7.98
OP1 D33 A 10 -3.00 -5.40 -8.88
OP2 D33 A 10 -3.03 -2.88 -8.39
O5' D33 A 10 -3.33 -4.54 -6.53
C5' D33 A 10 -2.93 -5.68 -5.78
C4' D33 A 10 -3.75 -5.85 -4.50
O4' D33 A 10 -3.40 -4.80 -3.59
C1' D33 A 10 -4.61 -4.22 -3.08
N3 D33 A 10 -3.97 -0.92 -1.66
C2' D33 A 10 -5.70 -4.49 -4.10
C3' D33 A 10 -5.27 -5.82 -4.70
O3' D33 A 10 -5.87 -6.89 -3.95
H15' D33 A 10 -1.88 -5.57 -5.52
H25' D33 A 10 -3.04 -6.56 -6.40
H4' D33 A 10 -3.48 -6.80 -4.04
H1' D33 A 10 -4.87 -4.72 -2.14
H55 D33 A 10 -4.44 -1.83 -4.80
H22 D33 A 10 -4.18 -2.82 -0.66
H44 D33 A 10 -3.88 0.39 -3.37
H22' D33 A 10 -6.66 -4.59 -3.62
H12' D33 A 10 -5.71 -3.71 -4.85
H3' D33 A 10 -5.52 -5.88 -5.76
C4 D33 B 8 -3.81 3.18 1.57
C5 D33 B 8 -3.98 3.69 2.85
C2 D33 B 8 -4.15 1.51 2.88
N1 D33 B 8 -4.20 2.62 3.67
P D33 B 8 -6.18 7.70 5.96
OP1 D33 B 8 -6.67 8.09 7.30
OP2 D33 B 8 -5.20 8.57 5.27
O5' D33 B 8 -5.54 6.22 6.07
C5' D33 B 8 -6.26 5.21 6.77
C4' D33 B 8 -5.57 3.85 6.70
O4' D33 B 8 -5.61 3.37 5.37
C1' D33 B 8 -4.43 2.62 5.12
N3 D33 B 8 -3.92 1.80 1.62
C2' D33 B 8 -3.33 3.27 5.95
C3' D33 B 8 -4.09 3.87 7.13
O3' D33 B 8 -3.92 3.00 8.26
H15' D33 B 8 -7.25 5.11 6.34
H25' D33 B 8 -6.35 5.49 7.81
H4' D33 B 8 -6.11 3.15 7.34
H1' D33 B 8 -4.58 1.61 5.47
H55 D33 B 8 -3.94 4.75 3.13
H22 D33 B 8 -4.30 0.51 3.28
H44 D33 B 8 -3.61 3.72 0.65
H22' D33 B 8 -2.60 2.53 6.28
H12' D33 B 8 -2.84 4.07 5.37
H3' D33 B 8 -3.76 4.88 7.36
C4 D33 B 9 -0.15 1.15 2.81
C5 D33 B 9 -0.27 0.93 4.16
C2 D33 B 9 -0.65 -0.92 3.04
N1 D33 B 9 -0.59 -0.41 4.30
P D33 B 9 -2.48 2.81 8.95
OP1 D33 B 9 -2.69 2.50 10.38
OP2 D33 B 9 -1.62 3.96 8.58
O5' D33 B 9 -1.88 1.49 8.24
C5' D33 B 9 -2.53 0.22 8.38
C4' D33 B 9 -1.80 -0.87 7.60
O4' D33 B 9 -1.94 -0.64 6.20
C1' D33 B 9 -0.78 -1.14 5.55
N3 D33 B 9 -0.39 -0.01 2.12
C2' D33 B 9 0.38 -0.95 6.54
C3' D33 B 9 -0.30 -0.95 7.89
O3' D33 B 9 -0.01 -2.16 8.57
H15' D33 B 9 -3.55 0.31 8.01
H25' D33 B 9 -2.55 -0.05 9.43
H4' D33 B 9 -2.25 -1.83 7.83
H1' D33 B 9 -0.90 -2.20 5.34
H55 D33 B 9 -0.08 1.64 4.97
H22 D33 B 9 -0.90 -1.97 2.86
H44 D33 B 9 0.08 2.09 2.30
H22' D33 B 9 1.07 -1.79 6.46
H12' D33 B 9 0.89 -0.01 6.35
H3' D33 B 9 0.02 -0.08 8.49
C4 D33 B 10 3.73 -1.08 3.24
C5 D33 B 10 3.63 -2.01 4.26
C2 D33 B 10 3.26 -2.96 2.32
N1 D33 B 10 3.31 -3.21 3.67
P D33 B 10 1.51 -2.54 8.97
OP1 D33 B 10 1.48 -3.42 10.16
OP2 D33 B 10 2.30 -1.30 8.98
O5' D33 B 10 1.97 -3.43 7.70
C5' D33 B 10 1.16 -4.51 7.26
C4' D33 B 10 1.81 -5.29 6.11
O4' D33 B 10 1.79 -4.49 4.92
C1' D33 B 10 3.09 -4.50 4.33
N3 D33 B 10 3.50 -1.69 2.03
C2' D33 B 10 4.07 -4.83 5.44
C3' D33 B 10 3.26 -5.71 6.36
O3' D33 B 10 3.44 -7.09 5.96
H15' D33 B 10 0.20 -4.11 6.91
H25' D33 B 10 0.97 -5.19 8.08
H4' D33 B 10 1.22 -6.19 5.91
H1' D33 B 10 3.13 -5.30 3.59
H55 D33 B 10 3.81 -1.82 5.32
H22 D33 B 10 3.04 -3.74 1.60
H44 D33 B 10 3.93 -0.02 3.32
H22' D33 B 10 4.93 -5.36 5.05
H12' D33 B 10 4.39 -3.91 5.95
H3' D33 B 10 3.54 -5.56 7.40
AG AG C . 3.85 -0.87 0.10
AG AG D . -0.03 -0.36 0.04
AG AG E . -3.94 0.46 -0.04
C4 D33 A 8 5.22 2.80 -2.43
C5 D33 A 8 5.59 2.77 -3.75
C2 D33 A 8 4.65 0.87 -3.17
N1 D33 A 8 5.22 1.52 -4.22
P D33 A 8 9.42 4.19 -7.39
OP1 D33 A 8 10.04 3.91 -8.71
OP2 D33 A 8 9.03 5.57 -7.03
O5' D33 A 8 8.13 3.24 -7.23
C5' D33 A 8 8.25 1.86 -7.55
C4' D33 A 8 6.98 1.08 -7.23
O4' D33 A 8 6.82 1.03 -5.83
C1' D33 A 8 5.43 0.98 -5.55
N3 D33 A 8 4.63 1.61 -2.08
C2' D33 A 8 4.72 1.75 -6.65
C3' D33 A 8 5.70 1.70 -7.82
O3' D33 A 8 5.20 0.81 -8.82
H15' D33 A 8 9.08 1.43 -6.97
H25' D33 A 8 8.47 1.75 -8.61
H4' D33 A 8 7.08 0.07 -7.61
H1' D33 A 8 5.09 -0.06 -5.57
H55 D33 A 8 6.07 3.57 -4.32
H22 D33 A 8 4.27 -0.15 -3.27
H44 D33 A 8 5.37 3.61 -1.70
H22' D33 A 8 3.78 1.26 -6.92
H12' D33 A 8 4.54 2.78 -6.34
H3' D33 A 8 5.89 2.68 -8.22
C4 D33 A 9 1.09 1.94 -3.14
C5 D33 A 9 1.12 1.39 -4.41
C2 D33 A 9 0.77 -0.16 -2.89
N1 D33 A 9 0.93 0.04 -4.24
P D33 A 9 3.81 1.12 -9.57
OP1 D33 A 9 3.82 0.41 -10.88
OP2 D33 A 9 3.56 2.58 -9.52
O5' D33 A 9 2.73 0.38 -8.61
C5' D33 A 9 2.88 -1.00 -8.30
C4' D33 A 9 1.83 -1.49 -7.31
O4' D33 A 9 2.09 -0.95 -6.01
C1' D33 A 9 0.86 -0.96 -5.31
N3 D33 A 9 0.87 0.96 -2.21
C2' D33 A 9 -0.23 -0.69 -6.34
C3' D33 A 9 0.41 -1.08 -7.68
O3' D33 A 9 -0.27 -2.23 -8.19
H15' D33 A 9 3.87 -1.18 -7.89
H25' D33 A 9 2.77 -1.58 -9.22
H4' D33 A 9 1.89 -2.57 -7.25
H1' D33 A 9 0.71 -1.95 -4.87
H55 D33 A 9 1.24 1.91 -5.34
H22 D33 A 9 0.61 -1.16 -2.48
H44 D33 A 9 1.24 2.98 -2.86
H22' D33 A 9 -1.10 -1.31 -6.13
H12' D33 A 9 -0.50 0.36 -6.34
H3' D33 A 9 0.40 -0.25 -8.37
C4 D33 A 10 -3.29 1.29 -3.27
C5 D33 A 10 -3.43 0.17 -4.06
C2 D33 A 10 -3.48 -0.38 -1.94
N1 D33 A 10 -3.54 -0.89 -3.20
P D33 A 10 -1.81 -2.14 -8.66
OP1 D33 A 10 -2.08 -3.26 -9.59
OP2 D33 A 10 -2.09 -0.74 -9.07
O5' D33 A 10 -2.58 -2.42 -7.28
C5' D33 A 10 -2.28 -3.61 -6.56
C4' D33 A 10 -3.10 -3.72 -5.28
O4' D33 A 10 -2.66 -2.72 -4.37
C1' D33 A 10 -3.76 -2.31 -3.58
N3 D33 A 10 -3.32 0.93 -1.95
C2' D33 A 10 -5.02 -2.52 -4.41
C3' D33 A 10 -4.60 -3.53 -5.48
O3' D33 A 10 -5.26 -4.79 -5.26
H15' D33 A 10 -1.22 -3.60 -6.30
H25' D33 A 10 -2.49 -4.46 -7.18
H4' D33 A 10 -2.92 -4.69 -4.83
H1' D33 A 10 -3.81 -2.91 -2.67
H55 D33 A 10 -3.48 0.16 -5.14
H22 D33 A 10 -3.55 -1.02 -1.05
H44 D33 A 10 -3.16 2.33 -3.57
H22' D33 A 10 -5.81 -2.94 -3.78
H12' D33 A 10 -5.34 -1.58 -4.86
H3' D33 A 10 -4.82 -3.15 -6.48
C4 D33 B 8 -3.88 4.93 1.33
C5 D33 B 8 -4.15 5.39 2.59
C2 D33 B 8 -3.96 3.20 2.59
N1 D33 B 8 -4.21 4.27 3.40
P D33 B 8 -7.16 8.92 5.51
OP1 D33 B 8 -7.78 9.23 6.82
OP2 D33 B 8 -6.34 9.94 4.82
O5' D33 B 8 -6.27 7.59 5.68
C5' D33 B 8 -6.81 6.47 6.37
C4' D33 B 8 -5.88 5.27 6.32
O4' D33 B 8 -5.80 4.78 5.00
C1' D33 B 8 -4.52 4.20 4.82
N3 D33 B 8 -3.75 3.55 1.35
C2' D33 B 8 -3.54 4.97 5.70
C3' D33 B 8 -4.44 5.56 6.78
O3' D33 B 8 -4.22 4.89 8.02
H15' D33 B 8 -7.76 6.19 5.89
H25' D33 B 8 -7.00 6.73 7.39
H4' D33 B 8 -6.30 4.49 6.95
H1' D33 B 8 -4.55 3.16 5.13
H55 D33 B 8 -4.29 6.42 2.90
H22 D33 B 8 -3.93 2.19 2.99
H44 D33 B 8 -3.77 5.51 0.40
H22' D33 B 8 -2.82 4.29 6.12
H12' D33 B 8 -3.05 5.75 5.13
H3' D33 B 8 -4.28 6.63 6.88
C4 D33 B 9 -0.23 2.97 2.44
C5 D33 B 9 -0.40 2.84 3.80
C2 D33 B 9 -0.64 0.90 2.80
N1 D33 B 9 -0.67 1.51 4.02
P D33 B 9 -2.76 4.89 8.71
OP1 D33 B 9 -2.93 4.60 10.16
OP2 D33 B 9 -2.04 6.11 8.28
O5' D33 B 9 -2.06 3.62 8.01
C5' D33 B 9 -2.66 2.33 8.10
C4' D33 B 9 -1.89 1.27 7.34
O4' D33 B 9 -2.02 1.46 5.94
C1' D33 B 9 -0.88 0.87 5.32
N3 D33 B 9 -0.36 1.75 1.81
C2' D33 B 9 0.27 1.05 6.29
C3' D33 B 9 -0.40 1.26 7.65
O3' D33 B 9 -0.10 0.15 8.49
H15' D33 B 9 -3.67 2.39 7.69
H25' D33 B 9 -2.73 2.03 9.14
H4' D33 B 9 -2.30 0.29 7.58
H1' D33 B 9 -1.07 -0.20 5.18
H55 D33 B 9 -0.30 3.60 4.56
H22 D33 B 9 -0.83 -0.17 2.68
H44 D33 B 9 -0.03 3.88 1.88
H22' D33 B 9 0.90 0.16 6.30
H12' D33 B 9 0.87 1.93 6.01
H3' D33 B 9 -0.08 2.20 8.11
C4 D33 B 10 3.67 0.99 2.97
C5 D33 B 10 3.48 0.16 4.04
C2 D33 B 10 3.22 -0.95 2.16
N1 D33 B 10 3.19 -1.09 3.51
P D33 B 10 1.39 -0.15 8.99
OP1 D33 B 10 1.33 -0.99 10.20
OP2 D33 B 10 2.13 1.13 9.01
O5' D33 B 10 1.96 -1.04 7.78
C5' D33 B 10 1.26 -2.21 7.39
C4' D33 B 10 1.94 -2.93 6.24
O4' D33 B 10 1.82 -2.13 5.07
C1' D33 B 10 2.96 -2.34 4.25
N3 D33 B 10 3.52 0.29 1.79
C2' D33 B 10 4.11 -2.72 5.17
C3' D33 B 10 3.43 -3.20 6.47
O3' D33 B 10 3.62 -4.62 6.62
H15' D33 B 10 0.25 -1.94 7.09
H25' D33 B 10 1.19 -2.89 8.25
H4' D33 B 10 1.43 -3.88 6.07
H1' D33 B 10 2.75 -3.14 3.56
H55 D33 B 10 3.59 0.41 5.09
H22 D33 B 10 3.04 -1.78 1.47
H44 D33 B 10 3.92 2.04 2.98
H22' D33 B 10 4.69 -3.53 4.72
H12' D33 B 10 4.74 -1.86 5.38
H3' D33 B 10 3.80 -2.65 7.33
AG AG C . 4.07 0.97 -0.13
AG AG D . 0.24 1.32 -0.19
AG AG E . -3.53 2.25 -0.31
C4 D33 A 8 4.66 1.52 -2.18
C5 D33 A 8 4.93 1.51 -3.53
C2 D33 A 8 4.35 -0.49 -2.85
N1 D33 A 8 4.73 0.21 -3.96
P D33 A 8 8.48 3.18 -7.22
OP1 D33 A 8 9.04 2.93 -8.57
OP2 D33 A 8 7.85 4.48 -6.91
O5' D33 A 8 7.41 2.02 -6.90
C5' D33 A 8 7.71 0.67 -7.21
C4' D33 A 8 6.53 -0.26 -6.97
O4' D33 A 8 6.31 -0.41 -5.57
C1' D33 A 8 4.91 -0.32 -5.32
N3 D33 A 8 4.31 0.25 -1.76
C2' D33 A 8 4.32 0.54 -6.42
C3' D33 A 8 5.22 0.24 -7.60
O3' D33 A 8 4.64 -0.79 -8.40
H15' D33 A 8 8.54 0.35 -6.59
H25' D33 A 8 8.02 0.61 -8.26
H4' D33 A 8 6.76 -1.24 -7.39
H1' D33 A 8 4.48 -1.32 -5.36
H55 D33 A 8 5.23 2.36 -4.14
H22 D33 A 8 4.11 -1.56 -2.90
H44 D33 A 8 4.71 2.36 -1.48
H22' D33 A 8 3.29 0.24 -6.63
H12' D33 A 8 4.37 1.59 -6.14
H3' D33 A 8 5.39 1.14 -8.20
C4 D33 A 9 0.54 0.47 -3.04
C5 D33 A 9 0.53 -0.15 -4.27
C2 D33 A 9 0.29 -1.62 -2.65
N1 D33 A 9 0.37 -1.50 -4.01
P D33 A 9 3.23 -0.56 -9.15
OP1 D33 A 9 3.27 -1.28 -10.44
OP2 D33 A 9 2.93 0.89 -9.11
O5' D33 A 9 2.19 -1.30 -8.18
C5' D33 A 9 2.34 -2.71 -7.92
C4' D33 A 9 1.29 -3.23 -6.95
O4' D33 A 9 1.51 -2.68 -5.66
C1' D33 A 9 0.27 -2.59 -4.99
N3 D33 A 9 0.40 -0.47 -2.05
C2' D33 A 9 -0.79 -2.35 -6.05
C3' D33 A 9 -0.14 -2.87 -7.34
O3' D33 A 9 -0.82 -4.05 -7.77
H15' D33 A 9 3.33 -2.88 -7.50
H25' D33 A 9 2.25 -3.24 -8.86
H4' D33 A 9 1.38 -4.31 -6.88
H1' D33 A 9 0.07 -3.52 -4.47
H55 D33 A 9 0.63 0.31 -5.25
H22 D33 A 9 0.16 -2.59 -2.17
H44 D33 A 9 0.65 1.53 -2.84
H22' D33 A 9 -1.69 -2.92 -5.82
H12' D33 A 9 -1.02 -1.29 -6.13
H3' D33 A 9 -0.15 -2.10 -8.12
C4 D33 A 10 -4.06 -0.08 -3.30
C5 D33 A 10 -4.28 -1.20 -4.08
C2 D33 A 10 -4.46 -1.70 -1.95
N1 D33 A 10 -4.53 -2.24 -3.21
P D33 A 10 -2.36 -4.02 -8.23
OP1 D33 A 10 -2.63 -5.23 -9.04
OP2 D33 A 10 -2.65 -2.68 -8.79
O5' D33 A 10 -3.15 -4.18 -6.83
C5' D33 A 10 -2.88 -5.29 -5.99
C4' D33 A 10 -3.83 -5.35 -4.79
O4' D33 A 10 -3.56 -4.25 -3.92
C1' D33 A 10 -4.79 -3.66 -3.54
N3 D33 A 10 -4.17 -0.41 -1.97
C2' D33 A 10 -5.76 -3.90 -4.67
C3' D33 A 10 -5.31 -5.28 -5.18
O3' D33 A 10 -6.01 -6.32 -4.49
H15' D33 A 10 -1.86 -5.21 -5.62
H25' D33 A 10 -2.98 -6.20 -6.57
H4' D33 A 10 -3.66 -6.28 -4.25
H1' D33 A 10 -5.15 -4.16 -2.64
H55 D33 A 10 -4.29 -1.24 -5.17
H22 D33 A 10 -4.63 -2.30 -1.06
H44 D33 A 10 -3.79 0.92 -3.62
H22' D33 A 10 -6.79 -3.94 -4.31
H12' D33 A 10 -5.65 -3.15 -5.45
H3' D33 A 10 -5.44 -5.36 -6.26
C4 D33 B 8 -3.78 3.51 1.46
C5 D33 B 8 -3.97 3.97 2.74
C2 D33 B 8 -4.13 1.78 2.67
N1 D33 B 8 -4.20 2.84 3.52
P D33 B 8 -6.59 7.66 5.67
OP1 D33 B 8 -7.12 7.99 7.01
OP2 D33 B 8 -5.58 8.55 5.05
O5' D33 B 8 -5.97 6.18 5.73
C5' D33 B 8 -6.70 5.13 6.39
C4' D33 B 8 -5.91 3.84 6.47
O4' D33 B 8 -5.82 3.25 5.16
C1' D33 B 8 -4.48 2.80 4.96
N3 D33 B 8 -3.90 2.14 1.43
C2' D33 B 8 -3.58 3.67 5.81
C3' D33 B 8 -4.47 4.03 6.99
O3' D33 B 8 -4.23 3.12 8.06
H15' D33 B 8 -7.62 4.94 5.84
H25' D33 B 8 -6.96 5.45 7.40
H4' D33 B 8 -6.43 3.14 7.13
H1' D33 B 8 -4.39 1.76 5.29
H55 D33 B 8 -3.94 5.01 3.08
H22 D33 B 8 -4.26 0.76 3.03
H44 D33 B 8 -3.58 4.10 0.56
H22' D33 B 8 -2.70 3.13 6.14
H12' D33 B 8 -3.29 4.57 5.26
H3' D33 B 8 -4.31 5.07 7.31
C4 D33 B 9 -0.20 1.43 2.77
C5 D33 B 9 -0.37 1.21 4.12
C2 D33 B 9 -0.65 -0.65 2.98
N1 D33 B 9 -0.66 -0.13 4.24
P D33 B 9 -2.79 3.07 8.78
OP1 D33 B 9 -3.00 2.79 10.22
OP2 D33 B 9 -2.03 4.27 8.37
O5' D33 B 9 -2.10 1.78 8.12
C5' D33 B 9 -2.72 0.50 8.23
C4' D33 B 9 -1.95 -0.58 7.50
O4' D33 B 9 -2.05 -0.37 6.10
C1' D33 B 9 -0.88 -0.88 5.49
N3 D33 B 9 -0.37 0.26 2.07
C2' D33 B 9 0.26 -0.72 6.49
C3' D33 B 9 -0.46 -0.63 7.84
O3' D33 B 9 -0.20 -1.81 8.59
H15' D33 B 9 -3.73 0.56 7.83
H25' D33 B 9 -2.78 0.23 9.28
H4' D33 B 9 -2.40 -1.55 7.73
H1' D33 B 9 -1.02 -1.92 5.25
H55 D33 B 9 -0.27 1.93 4.93
H22 D33 B 9 -0.86 -1.70 2.79
H44 D33 B 9 0.04 2.38 2.27
H22' D33 B 9 0.90 -1.60 6.46
H12' D33 B 9 0.83 0.18 6.30
H3' D33 B 9 -0.15 0.27 8.38
C4 D33 B 10 3.96 -0.51 3.39
C5 D33 B 10 3.83 -1.38 4.46
C2 D33 B 10 3.73 -2.48 2.55
N1 D33 B 10 3.69 -2.64 3.91
P D33 B 10 1.28 -2.17 9.11
OP1 D33 B 10 1.17 -3.12 10.23
OP2 D33 B 10 2.03 -0.90 9.29
O5' D33 B 10 1.92 -2.94 7.85
C5' D33 B 10 1.25 -4.09 7.33
C4' D33 B 10 2.07 -4.79 6.26
O4' D33 B 10 2.13 -3.95 5.10
C1' D33 B 10 3.47 -3.92 4.62
N3 D33 B 10 3.89 -1.22 2.21
C2' D33 B 10 4.36 -4.15 5.83
C3' D33 B 10 3.51 -5.11 6.67
O3' D33 B 10 3.79 -6.47 6.31
H15' D33 B 10 0.29 -3.78 6.91
H25' D33 B 10 1.07 -4.78 8.15
H4' D33 B 10 1.57 -5.71 5.98
H1' D33 B 10 3.62 -4.75 3.92
H55 D33 B 10 3.88 -1.12 5.51
H22 D33 B 10 3.65 -3.31 1.86
H44 D33 B 10 4.06 0.57 3.41
H22' D33 B 10 5.29 -4.62 5.54
H12' D33 B 10 4.54 -3.22 6.37
H3' D33 B 10 3.66 -4.93 7.73
AG AG C . 4.10 -0.45 0.23
AG AG D . 0.02 -0.08 0.00
AG AG E . -4.03 0.88 -0.29
C4 D33 A 8 5.44 2.33 -2.52
C5 D33 A 8 5.86 2.20 -3.82
C2 D33 A 8 5.09 0.29 -3.06
N1 D33 A 8 5.61 0.88 -4.16
P D33 A 8 9.80 3.14 -7.68
OP1 D33 A 8 10.43 2.75 -8.97
OP2 D33 A 8 9.46 4.55 -7.42
O5' D33 A 8 8.47 2.26 -7.48
C5' D33 A 8 8.54 0.86 -7.69
C4' D33 A 8 7.27 0.16 -7.21
O4' D33 A 8 7.18 0.29 -5.80
C1' D33 A 8 5.82 0.23 -5.46
N3 D33 A 8 4.96 1.13 -2.05
C2' D33 A 8 5.05 0.87 -6.60
C3' D33 A 8 5.97 0.72 -7.79
O3' D33 A 8 5.42 -0.22 -8.71
H15' D33 A 8 9.39 0.46 -7.15
H25' D33 A 8 8.67 0.65 -8.75
H4' D33 A 8 7.34 -0.90 -7.46
H1' D33 A 8 5.52 -0.83 -5.37
H55 D33 A 8 6.29 2.97 -4.46
H22 D33 A 8 4.80 -0.77 -3.06
H44 D33 A 8 5.44 3.23 -1.89
H22' D33 A 8 4.11 0.34 -6.77
H12' D33 A 8 4.86 1.93 -6.39
H3' D33 A 8 6.15 1.69 -8.27
C4 D33 A 9 1.01 1.52 -3.12
C5 D33 A 9 1.04 0.96 -4.39
C2 D33 A 9 0.50 -0.55 -2.88
N1 D33 A 9 0.71 -0.37 -4.23
P D33 A 9 4.03 0.12 -9.47
OP1 D33 A 9 3.95 -0.72 -10.68
OP2 D33 A 9 3.91 1.59 -9.58
O5' D33 A 9 2.90 -0.40 -8.44
C5' D33 A 9 2.79 -1.79 -8.12
C4' D33 A 9 1.59 -2.08 -7.21
O4' D33 A 9 1.83 -1.59 -5.90
C1' D33 A 9 0.55 -1.36 -5.29
N3 D33 A 9 0.67 0.56 -2.20
C2' D33 A 9 -0.36 -0.89 -6.42
C3' D33 A 9 0.30 -1.44 -7.68
O3' D33 A 9 -0.56 -2.42 -8.25
H15' D33 A 9 3.70 -2.12 -7.62
H25' D33 A 9 2.66 -2.35 -9.04
H4' D33 A 9 1.45 -3.16 -7.16
H1' D33 A 9 0.18 -2.29 -4.87
H55 D33 A 9 1.25 1.46 -5.32
H22 D33 A 9 0.22 -1.51 -2.47
H44 D33 A 9 1.23 2.55 -2.85
H22' D33 A 9 -1.36 -1.32 -6.29
H12' D33 A 9 -0.42 0.19 -6.44
H3' D33 A 9 0.49 -0.63 -8.40
C4 D33 A 10 -3.54 1.21 -3.32
C5 D33 A 10 -3.73 0.15 -4.18
C2 D33 A 10 -3.94 -0.51 -2.09
N1 D33 A 10 -3.97 -0.95 -3.38
P D33 A 10 -2.02 -2.01 -8.79
OP1 D33 A 10 -2.39 -2.92 -9.89
OP2 D33 A 10 -2.05 -0.55 -8.98
O5' D33 A 10 -2.93 -2.36 -7.51
C5' D33 A 10 -2.75 -3.60 -6.84
C4' D33 A 10 -3.60 -3.69 -5.59
O4' D33 A 10 -3.13 -2.75 -4.63
C1' D33 A 10 -4.24 -2.33 -3.84
N3 D33 A 10 -3.68 0.78 -2.02
C2' D33 A 10 -5.50 -2.47 -4.70
C3' D33 A 10 -5.08 -3.40 -5.84
O3' D33 A 10 -5.80 -4.64 -5.76
H15' D33 A 10 -1.70 -3.70 -6.56
H25' D33 A 10 -3.00 -4.41 -7.52
H4' D33 A 10 -3.51 -4.69 -5.16
H1' D33 A 10 -4.33 -2.99 -2.97
H55 D33 A 10 -3.74 0.19 -5.25
H22 D33 A 10 -4.10 -1.17 -1.25
H44 D33 A 10 -3.27 2.24 -3.56
H22' D33 A 10 -6.31 -2.91 -4.12
H12' D33 A 10 -5.79 -1.50 -5.09
H3' D33 A 10 -5.22 -2.92 -6.80
C4 D33 B 8 -4.24 4.61 1.51
C5 D33 B 8 -4.61 4.98 2.79
C2 D33 B 8 -4.55 2.79 2.62
N1 D33 B 8 -4.80 3.81 3.49
P D33 B 8 -7.82 8.19 6.05
OP1 D33 B 8 -8.48 8.41 7.36
OP2 D33 B 8 -7.05 9.28 5.43
O5' D33 B 8 -6.86 6.91 6.17
C5' D33 B 8 -7.39 5.72 6.74
C4' D33 B 8 -6.45 4.54 6.54
O4' D33 B 8 -6.40 4.24 5.15
C1' D33 B 8 -5.15 3.63 4.90
N3 D33 B 8 -4.21 3.22 1.43
C2' D33 B 8 -4.15 4.28 5.85
C3' D33 B 8 -5.01 4.78 7.00
O3' D33 B 8 -4.75 4.00 8.17
H15' D33 B 8 -8.36 5.49 6.29
H25' D33 B 8 -7.53 5.87 7.81
H4' D33 B 8 -6.85 3.67 7.06
H1' D33 B 8 -5.22 2.58 5.11
H55 D33 B 8 -4.73 5.99 3.16
H22 D33 B 8 -4.64 1.76 2.91
H44 D33 B 8 -3.97 5.24 0.68
H22' D33 B 8 -3.43 3.54 6.21
H12' D33 B 8 -3.63 5.11 5.37
H3' D33 B 8 -4.84 5.84 7.19
C4 D33 B 9 -0.28 2.57 2.53
C5 D33 B 9 -0.47 2.42 3.89
C2 D33 B 9 -0.48 0.46 2.90
N1 D33 B 9 -0.59 1.07 4.11
P D33 B 9 -3.30 4.05 8.86
OP1 D33 B 9 -3.45 3.61 10.26
OP2 D33 B 9 -2.69 5.36 8.57
O5' D33 B 9 -2.46 2.92 8.07
C5' D33 B 9 -2.83 1.55 8.16
C4' D33 B 9 -1.85 0.64 7.42
O4' D33 B 9 -1.97 0.80 6.01
C1' D33 B 9 -0.72 0.42 5.43
N3 D33 B 9 -0.29 1.33 1.91
C2' D33 B 9 0.35 0.84 6.43
C3' D33 B 9 -0.38 0.92 7.77
O3' D33 B 9 0.12 -0.11 8.61
H15' D33 B 9 -3.82 1.42 7.72
H25' D33 B 9 -2.87 1.24 9.20
H4' D33 B 9 -2.07 -0.40 7.67
H1' D33 B 9 -0.70 -0.67 5.30
H55 D33 B 9 -0.47 3.21 4.65
H22 D33 B 9 -0.55 -0.62 2.79
H44 D33 B 9 -0.17 3.49 1.97
H22' D33 B 9 1.15 0.09 6.48
H12' D33 B 9 0.77 1.81 6.16
H3' D33 B 9 -0.27 1.91 8.22
C4 D33 B 10 3.90 0.85 3.02
C5 D33 B 10 3.76 0.06 4.16
C2 D33 B 10 3.64 -1.18 2.34
N1 D33 B 10 3.60 -1.23 3.71
P D33 B 10 1.66 -0.07 9.08
OP1 D33 B 10 1.76 -0.72 10.41
OP2 D33 B 10 2.18 1.30 8.88
O5' D33 B 10 2.34 -1.03 8.00
C5' D33 B 10 1.72 -2.27 7.68
C4' D33 B 10 2.43 -2.98 6.55
O4' D33 B 10 2.27 -2.24 5.35
C1' D33 B 10 3.41 -2.44 4.53
N3 D33 B 10 3.83 0.06 1.90
C2' D33 B 10 4.59 -2.75 5.45
C3' D33 B 10 3.94 -3.16 6.78
O3' D33 B 10 4.20 -4.52 7.07
H15' D33 B 10 0.69 -2.09 7.40
H25' D33 B 10 1.73 -2.91 8.57
H4' D33 B 10 1.99 -3.97 6.41
H1' D33 B 10 3.23 -3.29 3.88
H55 D33 B 10 3.84 0.40 5.18
H22 D33 B 10 3.53 -2.06 1.72
H44 D33 B 10 4.00 1.92 2.96
H22' D33 B 10 5.18 -3.58 5.05
H12' D33 B 10 5.21 -1.87 5.59
H3' D33 B 10 4.28 -2.51 7.58
AG AG C . 4.39 0.62 -0.07
AG AG D . 0.19 0.94 -0.14
AG AG E . -3.94 2.03 -0.31
C4 D33 A 8 4.75 0.75 -1.96
C5 D33 A 8 5.04 0.74 -3.31
C2 D33 A 8 4.47 -1.28 -2.61
N1 D33 A 8 4.85 -0.57 -3.72
P D33 A 8 8.48 2.34 -7.51
OP1 D33 A 8 8.98 2.02 -8.86
OP2 D33 A 8 7.97 3.70 -7.21
O5' D33 A 8 7.33 1.28 -7.14
C5' D33 A 8 7.54 -0.11 -7.38
C4' D33 A 8 6.38 -0.94 -6.90
O4' D33 A 8 6.34 -0.92 -5.47
C1' D33 A 8 5.00 -1.11 -5.07
N3 D33 A 8 4.40 -0.53 -1.54
C2' D33 A 8 4.13 -0.44 -6.12
C3' D33 A 8 5.01 -0.45 -7.38
O3' D33 A 8 4.45 -1.37 -8.32
H15' D33 A 8 8.44 -0.42 -6.86
H25' D33 A 8 7.67 -0.27 -8.45
H4' D33 A 8 6.52 -1.98 -7.22
H1' D33 A 8 4.79 -2.18 -5.05
H55 D33 A 8 5.35 1.58 -3.92
H22 D33 A 8 4.26 -2.34 -2.67
H44 D33 A 8 4.79 1.60 -1.27
H22' D33 A 8 3.22 -1.00 -6.28
H12' D33 A 8 3.90 0.59 -5.83
H3' D33 A 8 5.09 0.55 -7.81
C4 D33 A 9 0.49 -0.16 -2.93
C5 D33 A 9 0.43 -0.76 -4.18
C2 D33 A 9 0.07 -2.23 -2.59
N1 D33 A 9 0.17 -2.10 -3.94
P D33 A 9 3.02 -1.09 -9.00
OP1 D33 A 9 2.99 -1.75 -10.33
OP2 D33 A 9 2.75 0.36 -8.89
O5' D33 A 9 1.98 -1.86 -8.03
C5' D33 A 9 2.05 -3.28 -7.87
C4' D33 A 9 0.97 -3.79 -6.94
O4' D33 A 9 1.23 -3.34 -5.62
C1' D33 A 9 -0.01 -3.15 -4.96
N3 D33 A 9 0.26 -1.11 -1.96
C2' D33 A 9 -1.04 -2.79 -6.01
C3' D33 A 9 -0.43 -3.31 -7.31
O3' D33 A 9 -1.20 -4.40 -7.79
H15' D33 A 9 3.03 -3.54 -7.47
H25' D33 A 9 1.94 -3.76 -8.84
H4' D33 A 9 0.99 -4.88 -6.94
H1' D33 A 9 -0.30 -4.08 -4.46
H55 D33 A 9 0.55 -0.28 -5.15
H22 D33 A 9 -0.13 -3.20 -2.14
H44 D33 A 9 0.68 0.88 -2.69
H22' D33 A 9 -1.98 -3.29 -5.80
H12' D33 A 9 -1.18 -1.72 -6.06
H3' D33 A 9 -0.38 -2.51 -8.05
C4 D33 A 10 -4.23 -0.84 -3.28
C5 D33 A 10 -4.58 -1.89 -4.10
C2 D33 A 10 -4.89 -2.42 -1.99
N1 D33 A 10 -4.99 -2.91 -3.27
P D33 A 10 -2.73 -4.17 -8.25
OP1 D33 A 10 -3.09 -5.24 -9.21
OP2 D33 A 10 -2.89 -2.75 -8.63
O5' D33 A 10 -3.55 -4.41 -6.88
C5' D33 A 10 -3.41 -5.65 -6.18
C4' D33 A 10 -4.48 -5.85 -5.13
O4' D33 A 10 -4.22 -4.98 -4.02
C1' D33 A 10 -5.41 -4.28 -3.66
N3 D33 A 10 -4.42 -1.17 -1.96
C2' D33 A 10 -6.36 -4.35 -4.85
C3' D33 A 10 -5.89 -5.59 -5.64
O3' D33 A 10 -6.72 -6.72 -5.31
H15' D33 A 10 -2.43 -5.66 -5.70
H25' D33 A 10 -3.45 -6.46 -6.90
H4' D33 A 10 -4.43 -6.88 -4.76
H1' D33 A 10 -5.87 -4.76 -2.80
H55 D33 A 10 -4.59 -1.89 -5.19
H22 D33 A 10 -5.15 -3.01 -1.11
H44 D33 A 10 -3.79 0.13 -3.57
H22' D33 A 10 -7.40 -4.48 -4.50
H12' D33 A 10 -6.29 -3.45 -5.47
H3' D33 A 10 -5.89 -5.39 -6.70
C4 D33 B 8 -4.14 2.79 1.46
C5 D33 B 8 -4.35 3.24 2.74
C2 D33 B 8 -4.51 1.05 2.66
N1 D33 B 8 -4.58 2.11 3.51
P D33 B 8 -6.86 6.97 6.17
OP1 D33 B 8 -7.37 7.21 7.54
OP2 D33 B 8 -5.93 7.94 5.55
O5' D33 B 8 -6.14 5.53 6.17
C5' D33 B 8 -6.79 4.41 6.77
C4' D33 B 8 -6.00 3.14 6.59
O4' D33 B 8 -6.03 2.76 5.22
C1' D33 B 8 -4.84 2.04 4.94
N3 D33 B 8 -4.25 1.40 1.41
C2' D33 B 8 -3.75 2.65 5.81
C3' D33 B 8 -4.51 3.27 6.98
O3' D33 B 8 -4.26 2.51 8.17
H15' D33 B 8 -7.77 4.29 6.32
H25' D33 B 8 -6.90 4.61 7.83
H4' D33 B 8 -6.45 2.34 7.18
H1' D33 B 8 -4.98 1.00 5.21
H55 D33 B 8 -4.33 4.27 3.09
H22 D33 B 8 -4.66 0.03 3.01
H44 D33 B 8 -3.91 3.37 0.56
H22' D33 B 8 -3.08 1.86 6.16
H12' D33 B 8 -3.19 3.41 5.26
H3' D33 B 8 -4.24 4.32 7.11
C4 D33 B 9 -0.36 0.81 2.84
C5 D33 B 9 -0.47 0.60 4.20
C2 D33 B 9 -0.67 -1.29 3.10
N1 D33 B 9 -0.68 -0.76 4.35
P D33 B 9 -2.78 2.47 8.81
OP1 D33 B 9 -2.90 2.24 10.26
OP2 D33 B 9 -2.05 3.66 8.32
O5' D33 B 9 -2.11 1.17 8.14
C5' D33 B 9 -2.65 -0.13 8.37
C4' D33 B 9 -1.85 -1.21 7.65
O4' D33 B 9 -2.00 -1.07 6.25
C1' D33 B 9 -0.80 -1.50 5.62
N3 D33 B 9 -0.47 -0.38 2.16
C2' D33 B 9 0.34 -1.23 6.58
C3' D33 B 9 -0.34 -1.14 7.95
O3' D33 B 9 0.05 -2.25 8.74
H15' D33 B 9 -3.68 -0.16 8.00
H25' D33 B 9 -2.66 -0.34 9.43
H4' D33 B 9 -2.21 -2.20 7.95
H1' D33 B 9 -0.86 -2.56 5.40
H55 D33 B 9 -0.39 1.33 5.00
H22 D33 B 9 -0.82 -2.35 2.93
H44 D33 B 9 -0.20 1.76 2.32
H22' D33 B 9 1.06 -2.05 6.57
H12' D33 B 9 0.83 -0.28 6.33
H3' D33 B 9 -0.09 -0.19 8.44
C4 D33 B 10 3.86 -1.26 3.59
C5 D33 B 10 3.89 -2.10 4.67
C2 D33 B 10 3.90 -3.25 2.80
N1 D33 B 10 3.90 -3.39 4.17
P D33 B 10 1.59 -2.42 9.19
OP1 D33 B 10 1.62 -3.25 10.42
OP2 D33 B 10 2.23 -1.08 9.18
O5' D33 B 10 2.22 -3.29 7.99
C5' D33 B 10 1.64 -4.54 7.64
C4' D33 B 10 2.53 -5.37 6.73
O4' D33 B 10 2.53 -4.80 5.42
C1' D33 B 10 3.86 -4.65 4.94
N3 D33 B 10 3.87 -1.98 2.42
C2' D33 B 10 4.80 -4.71 6.15
C3' D33 B 10 3.97 -5.46 7.21
O3' D33 B 10 4.36 -6.85 7.24
H15' D33 B 10 0.68 -4.37 7.13
H25' D33 B 10 1.44 -5.10 8.55
H4' D33 B 10 2.13 -6.38 6.66
H1' D33 B 10 4.09 -5.48 4.27
H55 D33 B 10 3.95 -1.81 5.72
H22 D33 B 10 3.90 -4.12 2.14
H44 D33 B 10 3.77 -0.16 3.58
H22' D33 B 10 5.69 -5.27 5.90
H12' D33 B 10 5.04 -3.71 6.48
H3' D33 B 10 4.09 -4.99 8.19
AG AG C . 4.12 -1.22 0.46
AG AG D . -0.11 -0.73 0.10
AG AG E . -4.33 0.14 -0.29
C4 D33 A 8 5.45 1.99 -1.75
C5 D33 A 8 5.98 1.88 -3.02
C2 D33 A 8 5.09 -0.02 -2.39
N1 D33 A 8 5.75 0.58 -3.42
P D33 A 8 9.89 3.16 -7.00
OP1 D33 A 8 10.46 2.78 -8.31
OP2 D33 A 8 9.40 4.55 -6.78
O5' D33 A 8 8.71 2.16 -6.64
C5' D33 A 8 8.97 0.75 -6.69
C4' D33 A 8 7.75 -0.06 -6.28
O4' D33 A 8 7.51 0.12 -4.89
C1' D33 A 8 6.11 -0.05 -4.69
N3 D33 A 8 4.90 0.79 -1.37
C2' D33 A 8 5.42 0.51 -5.92
C3' D33 A 8 6.47 0.35 -7.02
O3' D33 A 8 6.09 -0.73 -7.89
H15' D33 A 8 9.79 0.51 -6.03
H25' D33 A 8 9.23 0.48 -7.71
H4' D33 A 8 7.95 -1.10 -6.46
H1' D33 A 8 5.91 -1.12 -4.63
H55 D33 A 8 6.53 2.65 -3.57
H22 D33 A 8 4.79 -1.07 -2.45
H44 D33 A 8 5.43 2.87 -1.10
H22' D33 A 8 4.53 -0.07 -6.15
H12' D33 A 8 5.19 1.57 -5.77
H3' D33 A 8 6.61 1.27 -7.57
C4 D33 A 9 1.23 0.92 -2.97
C5 D33 A 9 1.35 0.30 -4.19
C2 D33 A 9 0.78 -1.15 -2.63
N1 D33 A 9 1.08 -1.04 -3.97
P D33 A 9 4.79 -0.60 -8.82
OP1 D33 A 9 4.95 -1.53 -9.96
OP2 D33 A 9 4.54 0.83 -9.07
O5' D33 A 9 3.62 -1.17 -7.88
C5' D33 A 9 3.61 -2.54 -7.49
C4' D33 A 9 2.36 -2.89 -6.71
O4' D33 A 9 2.41 -2.32 -5.41
C1' D33 A 9 1.07 -2.11 -4.97
N3 D33 A 9 0.88 0.01 -2.01
C2' D33 A 9 0.26 -1.80 -6.22
C3' D33 A 9 1.08 -2.38 -7.37
O3' D33 A 9 0.38 -3.49 -7.95
H15' D33 A 9 4.49 -2.75 -6.87
H25' D33 A 9 3.65 -3.17 -8.39
H4' D33 A 9 2.29 -3.97 -6.60
H1' D33 A 9 0.69 -3.03 -4.51
H55 D33 A 9 1.58 0.75 -5.15
H22 D33 A 9 0.52 -2.11 -2.18
H44 D33 A 9 1.41 1.98 -2.72
H22' D33 A 9 -0.73 -2.27 -6.17
H12' D33 A 9 0.14 -0.72 -6.34
H3' D33 A 9 1.31 -1.62 -8.12
C4 D33 A 10 -3.26 0.49 -3.70
C5 D33 A 10 -3.42 -0.60 -4.53
C2 D33 A 10 -3.74 -1.18 -2.45
N1 D33 A 10 -3.72 -1.67 -3.72
P D33 A 10 -1.01 -3.26 -8.72
OP1 D33 A 10 -1.21 -4.39 -9.66
OP2 D33 A 10 -1.05 -1.87 -9.23
O5' D33 A 10 -2.07 -3.41 -7.53
C5' D33 A 10 -2.08 -4.59 -6.75
C4' D33 A 10 -3.16 -4.56 -5.67
O4' D33 A 10 -2.81 -3.58 -4.70
C1' D33 A 10 -4.00 -3.05 -4.15
N3 D33 A 10 -3.47 0.11 -2.40
C2' D33 A 10 -5.09 -3.17 -5.20
C3' D33 A 10 -4.55 -4.20 -6.20
O3' D33 A 10 -5.39 -5.36 -6.16
H15' D33 A 10 -1.11 -4.70 -6.26
H25' D33 A 10 -2.24 -5.44 -7.40
H4' D33 A 10 -3.20 -5.54 -5.19
H1' D33 A 10 -4.28 -3.65 -3.27
H55 D33 A 10 -3.42 -0.59 -5.62
H22 D33 A 10 -3.94 -1.82 -1.58
H44 D33 A 10 -2.97 1.50 -3.97
H22' D33 A 10 -6.03 -3.51 -4.75
H12' D33 A 10 -5.25 -2.21 -5.70
H3' D33 A 10 -4.50 -3.78 -7.19
C4 D33 B 8 -4.41 4.07 0.89
C5 D33 B 8 -4.87 4.50 2.11
C2 D33 B 8 -4.70 2.31 2.07
N1 D33 B 8 -5.05 3.36 2.86
P D33 B 8 -7.94 8.04 5.40
OP1 D33 B 8 -8.54 8.24 6.74
OP2 D33 B 8 -7.03 9.07 4.85
O5' D33 B 8 -7.18 6.63 5.40
C5' D33 B 8 -7.88 5.46 5.81
C4' D33 B 8 -7.02 4.22 5.69
O4' D33 B 8 -6.80 3.93 4.32
C1' D33 B 8 -5.55 3.25 4.25
N3 D33 B 8 -4.31 2.70 0.87
C2' D33 B 8 -4.65 3.87 5.30
C3' D33 B 8 -5.65 4.35 6.35
O3' D33 B 8 -5.60 3.50 7.49
H15' D33 B 8 -8.76 5.34 5.18
H25' D33 B 8 -8.19 5.57 6.84
H4' D33 B 8 -7.54 3.39 6.14
H1' D33 B 8 -5.71 2.20 4.47
H55 D33 B 8 -5.09 5.52 2.40
H22 D33 B 8 -4.77 1.28 2.43
H44 D33 B 8 -4.12 4.68 0.02
H22' D33 B 8 -3.98 3.11 5.72
H12' D33 B 8 -4.09 4.71 4.88
H3' D33 B 8 -5.45 5.40 6.63
C4 D33 B 9 -0.70 2.05 2.54
C5 D33 B 9 -1.00 1.85 3.87
C2 D33 B 9 -0.97 -0.07 2.81
N1 D33 B 9 -1.17 0.51 4.04
P D33 B 9 -4.29 3.44 8.42
OP1 D33 B 9 -4.69 2.97 9.76
OP2 D33 B 9 -3.56 4.71 8.28
O5' D33 B 9 -3.42 2.28 7.73
C5' D33 B 9 -3.89 0.93 7.73
C4' D33 B 9 -2.86 -0.02 7.12
O4' D33 B 9 -2.78 0.17 5.71
C1' D33 B 9 -1.47 -0.20 5.31
N3 D33 B 9 -0.67 0.83 1.89
C2' D33 B 9 -0.54 0.15 6.45
C3' D33 B 9 -1.46 0.20 7.68
O3' D33 B 9 -1.14 -0.87 8.56
H15' D33 B 9 -4.81 0.86 7.16
H25' D33 B 9 -4.08 0.62 8.76
H4' D33 B 9 -3.16 -1.04 7.32
H1' D33 B 9 -1.45 -1.28 5.13
H55 D33 B 9 -1.03 2.61 4.66
H22 D33 B 9 -1.06 -1.14 2.65
H44 D33 B 9 -0.54 2.99 2.01
H22' D33 B 9 0.23 -0.61 6.57
H12' D33 B 9 -0.08 1.13 6.28
H3' D33 B 9 -1.39 1.17 8.18
C4 D33 B 10 3.42 0.37 3.58
C5 D33 B 10 3.25 -0.45 4.69
C2 D33 B 10 3.24 -1.64 2.85
N1 D33 B 10 3.13 -1.74 4.20
P D33 B 10 0.28 -0.92 9.32
OP1 D33 B 10 0.14 -1.76 10.52
OP2 D33 B 10 0.80 0.47 9.42
O5' D33 B 10 1.18 -1.71 8.26
C5' D33 B 10 0.76 -3.01 7.84
C4' D33 B 10 1.74 -3.63 6.85
O4' D33 B 10 1.69 -2.91 5.63
C1' D33 B 10 2.96 -2.96 5.01
N3 D33 B 10 3.42 -0.39 2.44
C2' D33 B 10 4.00 -3.14 6.11
C3' D33 B 10 3.20 -3.62 7.32
O3' D33 B 10 3.60 -4.96 7.65
H15' D33 B 10 -0.21 -2.92 7.36
H25' D33 B 10 0.68 -3.64 8.71
H4' D33 B 10 1.44 -4.66 6.66
H1' D33 B 10 3.00 -3.83 4.34
H55 D33 B 10 3.31 -0.14 5.72
H22 D33 B 10 3.18 -2.52 2.20
H44 D33 B 10 3.48 1.45 3.55
H22' D33 B 10 4.74 -3.89 5.82
H12' D33 B 10 4.49 -2.19 6.33
H3' D33 B 10 3.34 -2.95 8.16
AG AG C . 4.14 0.22 0.54
AG AG D . 0.10 0.44 -0.07
AG AG E . -3.87 1.42 -0.77
#